data_4AEX
#
_entry.id   4AEX
#
_cell.length_a   98.100
_cell.length_b   114.700
_cell.length_c   115.800
_cell.angle_alpha   90.00
_cell.angle_beta   90.00
_cell.angle_gamma   90.00
#
_symmetry.space_group_name_H-M   'P 21 21 21'
#
loop_
_entity.id
_entity.type
_entity.pdbx_description
1 polymer 'RNA-DIRECTED RNA POLYMERASE'
2 non-polymer 'PHOSPHATE ION'
3 water water
#
_entity_poly.entity_id   1
_entity_poly.type   'polypeptide(L)'
_entity_poly.pdbx_seq_one_letter_code
;MASMSYSWTGALITPCSPEEEKLPINPLSNSLLRYHNKVYCTTSKSASQRAKKVTFDRTQVLDAHYDSVLKDIKLAASKV
SARLLTLEEACQLTPPHSARSKYGFGAKEVRSLSGRAVNHIKSVWKDLLEDPQTPIPTTIMAKNEVFCVDPAKGGKKPAR
LIVYPDLGVRVCEKMALYDITQKLPQAVMGASYGFQYSPAQRVEYLLKAWAEKKDPMGFSYDTRCFDSTVTERDIRTEES
IYQACSLPEEARTAIHSLTERLYVGGPMFNSKGQTCGYRRCRASGVLTTSMGNTITCYVKALAACKAAGIVAPTMLVCGD
DLVVISESQGTEEDERNLRAFTEAMTRYSAPPGDPPRPEYDLELITSCSSNVSVALGPRGRRRYYLTRDPTTPLARAAWE
TVRHSPINSWLGNIIQYAPTIWVRMVLMTHFFSILMVQDTLDQNLNFEMYGSVYSVNPLDLPAIIERLHGLDAFSMHTYS
HHELTRVASALRKLGAPPLRVWKSRARAVRASLISRGGKAAVCGRYLFNWAVKTKLKLTPLPEARLLDLSSWFTVGAGGG
DIFHSVSRARPRSHHHHHH
;
_entity_poly.pdbx_strand_id   A,B
#
loop_
_chem_comp.id
_chem_comp.type
_chem_comp.name
_chem_comp.formula
PO4 non-polymer 'PHOSPHATE ION' 'O4 P -3'
#
# COMPACT_ATOMS: atom_id res chain seq x y z
N SER A 3 -4.01 31.79 37.89
CA SER A 3 -4.08 30.64 38.78
C SER A 3 -2.80 29.81 38.73
N MET A 4 -2.33 29.39 39.90
CA MET A 4 -1.17 28.50 39.98
C MET A 4 -1.60 27.10 39.62
N SER A 5 -0.81 26.42 38.78
CA SER A 5 -1.08 25.04 38.41
C SER A 5 -1.17 24.12 39.63
N TYR A 6 -0.34 24.38 40.62
CA TYR A 6 -0.34 23.60 41.87
C TYR A 6 -0.04 24.46 43.08
N SER A 7 -0.58 24.07 44.22
CA SER A 7 -0.12 24.56 45.52
C SER A 7 0.48 23.38 46.28
N TRP A 8 1.40 23.66 47.20
CA TRP A 8 2.05 22.59 47.93
C TRP A 8 2.02 22.85 49.43
N THR A 9 1.85 21.78 50.20
CA THR A 9 1.83 21.87 51.65
C THR A 9 3.24 21.76 52.22
N GLY A 10 4.14 21.17 51.45
CA GLY A 10 5.51 21.00 51.89
C GLY A 10 5.86 19.54 52.18
N ALA A 11 4.84 18.71 52.36
CA ALA A 11 5.05 17.28 52.52
C ALA A 11 5.73 16.72 51.29
N LEU A 12 6.66 15.79 51.50
CA LEU A 12 7.41 15.21 50.40
C LEU A 12 6.55 14.31 49.53
N ILE A 13 6.95 14.15 48.28
CA ILE A 13 6.39 13.13 47.42
C ILE A 13 7.21 11.86 47.68
N THR A 14 6.51 10.80 48.09
CA THR A 14 7.17 9.64 48.67
C THR A 14 6.98 8.36 47.85
N PRO A 15 7.97 7.46 47.88
CA PRO A 15 7.82 6.21 47.15
C PRO A 15 6.99 5.22 47.94
N CYS A 16 6.38 4.25 47.26
CA CYS A 16 5.64 3.19 47.94
C CYS A 16 6.42 1.89 47.91
N SER A 17 7.64 1.95 47.40
CA SER A 17 8.48 0.78 47.25
C SER A 17 9.93 1.26 47.17
N PRO A 18 10.91 0.35 47.37
CA PRO A 18 12.29 0.84 47.22
C PRO A 18 12.61 1.17 45.76
N GLU A 19 13.45 2.18 45.55
CA GLU A 19 13.79 2.63 44.21
C GLU A 19 15.29 2.49 43.97
N GLU A 20 15.65 1.94 42.82
CA GLU A 20 17.05 1.86 42.40
C GLU A 20 17.25 2.92 41.34
N GLU A 21 18.33 3.69 41.43
CA GLU A 21 18.57 4.73 40.44
C GLU A 21 19.69 4.44 39.44
N LYS A 22 20.32 3.28 39.58
CA LYS A 22 21.57 3.00 38.87
C LYS A 22 21.51 1.60 38.27
N LEU A 23 21.89 1.47 37.00
CA LEU A 23 21.86 0.17 36.35
C LEU A 23 22.83 -0.78 37.02
N PRO A 24 22.32 -1.96 37.44
CA PRO A 24 23.14 -3.01 38.06
C PRO A 24 24.09 -3.68 37.07
N ILE A 25 25.31 -3.95 37.51
CA ILE A 25 26.26 -4.67 36.68
C ILE A 25 25.89 -6.14 36.62
N ASN A 26 25.76 -6.67 35.41
CA ASN A 26 25.25 -8.02 35.21
C ASN A 26 25.59 -8.45 33.79
N PRO A 27 26.08 -9.70 33.63
CA PRO A 27 26.55 -10.19 32.33
C PRO A 27 25.47 -10.15 31.26
N LEU A 28 24.22 -10.44 31.63
CA LEU A 28 23.11 -10.37 30.69
C LEU A 28 22.93 -8.97 30.10
N SER A 29 22.94 -7.94 30.95
CA SER A 29 22.75 -6.58 30.46
C SER A 29 24.03 -6.03 29.85
N ASN A 30 25.16 -6.46 30.39
CA ASN A 30 26.47 -6.05 29.91
C ASN A 30 26.74 -6.48 28.47
N SER A 31 26.11 -7.59 28.08
CA SER A 31 26.17 -8.07 26.69
C SER A 31 25.54 -7.05 25.75
N LEU A 32 24.55 -6.33 26.25
CA LEU A 32 23.85 -5.34 25.43
C LEU A 32 24.61 -4.02 25.38
N LEU A 33 25.02 -3.52 26.54
CA LEU A 33 25.86 -2.33 26.60
C LEU A 33 26.70 -2.34 27.87
N ARG A 34 27.88 -1.75 27.81
CA ARG A 34 28.85 -1.85 28.91
C ARG A 34 28.85 -0.61 29.80
N TYR A 35 28.49 0.54 29.24
CA TYR A 35 28.62 1.79 29.98
C TYR A 35 27.42 2.03 30.90
N HIS A 36 27.31 1.17 31.92
CA HIS A 36 26.16 1.14 32.82
C HIS A 36 26.02 2.40 33.68
N ASN A 37 27.12 3.10 33.92
CA ASN A 37 27.09 4.33 34.71
C ASN A 37 26.39 5.49 33.99
N LYS A 38 26.09 5.28 32.71
CA LYS A 38 25.41 6.30 31.91
C LYS A 38 23.90 6.08 31.94
N VAL A 39 23.49 4.94 32.47
CA VAL A 39 22.08 4.59 32.49
C VAL A 39 21.51 4.77 33.89
N TYR A 40 20.50 5.62 34.00
CA TYR A 40 19.89 5.90 35.29
C TYR A 40 18.36 5.75 35.26
N CYS A 41 17.79 5.55 36.43
CA CYS A 41 16.35 5.57 36.62
C CYS A 41 15.95 6.78 37.46
N THR A 42 14.94 7.52 37.00
CA THR A 42 14.40 8.61 37.82
C THR A 42 13.78 8.03 39.09
N THR A 43 13.91 8.75 40.20
CA THR A 43 13.31 8.32 41.47
C THR A 43 12.65 9.48 42.18
N SER A 44 12.00 9.18 43.30
CA SER A 44 11.34 10.19 44.12
C SER A 44 12.31 11.23 44.67
N LYS A 45 13.60 10.90 44.65
CA LYS A 45 14.66 11.79 45.10
C LYS A 45 14.66 13.13 44.37
N SER A 46 14.11 13.15 43.17
CA SER A 46 14.11 14.35 42.34
C SER A 46 12.71 14.96 42.15
N ALA A 47 11.75 14.49 42.95
CA ALA A 47 10.37 14.94 42.83
C ALA A 47 10.18 16.44 43.01
N SER A 48 10.81 16.99 44.04
CA SER A 48 10.73 18.41 44.33
C SER A 48 11.26 19.27 43.18
N GLN A 49 12.32 18.81 42.55
CA GLN A 49 12.88 19.46 41.37
C GLN A 49 11.82 19.57 40.27
N ARG A 50 11.11 18.48 40.01
CA ARG A 50 10.04 18.47 39.01
C ARG A 50 8.88 19.35 39.46
N ALA A 51 8.59 19.33 40.77
CA ALA A 51 7.49 20.09 41.34
C ALA A 51 7.66 21.58 41.07
N LYS A 52 8.88 22.07 41.20
CA LYS A 52 9.16 23.47 40.95
C LYS A 52 8.91 23.80 39.48
N LYS A 53 9.34 22.91 38.59
CA LYS A 53 9.16 23.10 37.15
C LYS A 53 7.70 23.21 36.74
N VAL A 54 6.88 22.32 37.26
CA VAL A 54 5.49 22.20 36.80
C VAL A 54 4.55 23.16 37.52
N THR A 55 5.10 23.95 38.44
CA THR A 55 4.30 24.90 39.21
C THR A 55 4.52 26.32 38.71
N PHE A 56 3.49 26.90 38.12
CA PHE A 56 3.54 28.28 37.65
C PHE A 56 2.15 28.88 37.43
N ASP A 57 2.12 30.19 37.20
CA ASP A 57 0.87 30.90 36.97
C ASP A 57 0.43 30.75 35.53
N ARG A 58 -0.88 30.61 35.31
CA ARG A 58 -1.42 30.59 33.96
C ARG A 58 -2.33 31.80 33.75
N THR A 59 -2.11 32.50 32.64
CA THR A 59 -3.05 33.48 32.18
C THR A 59 -3.50 33.06 30.79
N GLN A 60 -4.74 33.36 30.45
CA GLN A 60 -5.28 32.95 29.16
C GLN A 60 -6.10 34.09 28.56
N VAL A 61 -5.73 34.49 27.35
CA VAL A 61 -6.48 35.50 26.62
C VAL A 61 -6.94 34.89 25.32
N LEU A 62 -8.24 34.75 25.17
CA LEU A 62 -8.80 34.12 23.97
C LEU A 62 -9.20 35.18 22.96
N ASP A 63 -9.55 34.74 21.75
CA ASP A 63 -9.87 35.67 20.67
C ASP A 63 -10.80 35.04 19.66
N ALA A 64 -11.08 35.77 18.58
CA ALA A 64 -12.02 35.31 17.57
C ALA A 64 -11.61 33.99 16.94
N HIS A 65 -10.31 33.81 16.75
CA HIS A 65 -9.78 32.60 16.13
C HIS A 65 -10.07 31.38 16.99
N TYR A 66 -9.80 31.50 18.29
CA TYR A 66 -10.11 30.44 19.22
C TYR A 66 -11.62 30.17 19.23
N ASP A 67 -12.40 31.21 19.46
CA ASP A 67 -13.86 31.09 19.48
C ASP A 67 -14.40 30.37 18.26
N SER A 68 -13.88 30.72 17.08
CA SER A 68 -14.40 30.17 15.84
C SER A 68 -14.07 28.69 15.71
N VAL A 69 -12.84 28.32 16.07
CA VAL A 69 -12.44 26.93 16.05
C VAL A 69 -13.30 26.12 17.00
N LEU A 70 -13.44 26.61 18.23
CA LEU A 70 -14.24 25.92 19.24
C LEU A 70 -15.65 25.65 18.74
N LYS A 71 -16.26 26.64 18.09
CA LYS A 71 -17.60 26.51 17.54
C LYS A 71 -17.67 25.38 16.52
N ASP A 72 -16.72 25.35 15.59
CA ASP A 72 -16.70 24.31 14.56
C ASP A 72 -16.55 22.94 15.21
N ILE A 73 -15.70 22.86 16.22
CA ILE A 73 -15.45 21.61 16.92
C ILE A 73 -16.67 21.07 17.67
N LYS A 74 -17.37 21.96 18.38
CA LYS A 74 -18.60 21.56 19.07
C LYS A 74 -19.66 21.06 18.10
N LEU A 75 -19.76 21.73 16.96
CA LEU A 75 -20.66 21.29 15.89
C LEU A 75 -20.30 19.89 15.38
N ALA A 76 -19.00 19.66 15.19
CA ALA A 76 -18.52 18.35 14.74
C ALA A 76 -18.82 17.26 15.76
N ALA A 77 -18.67 17.59 17.03
CA ALA A 77 -18.91 16.62 18.11
C ALA A 77 -20.37 16.16 18.18
N SER A 78 -21.29 17.01 17.75
CA SER A 78 -22.72 16.72 17.87
C SER A 78 -23.17 15.57 16.98
N LYS A 79 -22.29 15.10 16.11
CA LYS A 79 -22.60 13.98 15.22
C LYS A 79 -22.24 12.66 15.89
N VAL A 80 -21.66 12.74 17.08
CA VAL A 80 -21.26 11.54 17.79
C VAL A 80 -22.36 11.02 18.71
N SER A 81 -22.60 9.72 18.63
CA SER A 81 -23.46 9.04 19.59
C SER A 81 -22.60 8.07 20.35
N ALA A 82 -22.58 8.20 21.67
CA ALA A 82 -21.74 7.35 22.49
C ALA A 82 -22.56 6.73 23.60
N ARG A 83 -22.08 5.61 24.11
CA ARG A 83 -22.82 4.88 25.13
C ARG A 83 -22.01 4.66 26.39
N LEU A 84 -22.70 4.37 27.49
CA LEU A 84 -22.04 3.92 28.70
C LEU A 84 -21.46 2.55 28.44
N LEU A 85 -20.33 2.26 29.07
CA LEU A 85 -19.83 0.89 29.12
C LEU A 85 -20.44 0.21 30.32
N THR A 86 -20.68 -1.10 30.22
CA THR A 86 -21.09 -1.86 31.38
C THR A 86 -19.90 -1.97 32.34
N LEU A 87 -20.21 -2.26 33.60
CA LEU A 87 -19.19 -2.45 34.61
C LEU A 87 -18.21 -3.53 34.16
N GLU A 88 -18.75 -4.60 33.58
CA GLU A 88 -17.93 -5.74 33.16
C GLU A 88 -16.97 -5.35 32.03
N GLU A 89 -17.44 -4.52 31.11
CA GLU A 89 -16.58 -4.03 30.03
C GLU A 89 -15.42 -3.21 30.59
N ALA A 90 -15.75 -2.28 31.49
CA ALA A 90 -14.74 -1.42 32.10
C ALA A 90 -13.70 -2.21 32.89
N CYS A 91 -14.17 -3.19 33.64
CA CYS A 91 -13.28 -4.09 34.37
C CYS A 91 -12.30 -4.81 33.47
N GLN A 92 -12.78 -5.34 32.35
CA GLN A 92 -11.93 -6.11 31.45
C GLN A 92 -10.85 -5.26 30.77
N LEU A 93 -11.06 -3.95 30.73
CA LEU A 93 -10.07 -3.02 30.18
C LEU A 93 -9.05 -2.57 31.22
N THR A 94 -9.22 -3.01 32.46
CA THR A 94 -8.27 -2.69 33.51
C THR A 94 -7.04 -3.59 33.40
N PRO A 95 -5.85 -2.96 33.31
CA PRO A 95 -4.61 -3.75 33.21
C PRO A 95 -4.39 -4.62 34.44
N PRO A 96 -3.90 -5.85 34.23
CA PRO A 96 -3.68 -6.84 35.29
C PRO A 96 -2.88 -6.32 36.48
N HIS A 97 -2.05 -5.31 36.26
CA HIS A 97 -1.21 -4.78 37.34
C HIS A 97 -1.50 -3.31 37.71
N SER A 98 -2.69 -2.84 37.36
CA SER A 98 -3.13 -1.52 37.77
C SER A 98 -3.02 -1.38 39.29
N ALA A 99 -2.67 -0.18 39.77
CA ALA A 99 -2.50 0.07 41.19
C ALA A 99 -3.77 -0.28 41.97
N ARG A 100 -3.60 -1.04 43.06
CA ARG A 100 -4.75 -1.52 43.82
C ARG A 100 -5.55 -0.42 44.52
N SER A 101 -6.81 -0.71 44.81
CA SER A 101 -7.67 0.22 45.51
C SER A 101 -7.27 0.32 46.97
N LYS A 102 -7.60 1.45 47.60
CA LYS A 102 -7.35 1.63 49.01
C LYS A 102 -8.38 0.85 49.81
N TYR A 103 -9.39 0.35 49.10
CA TYR A 103 -10.55 -0.23 49.73
C TYR A 103 -10.56 -1.75 49.65
N GLY A 104 -9.39 -2.35 49.84
CA GLY A 104 -9.27 -3.79 50.02
C GLY A 104 -9.43 -4.66 48.79
N PHE A 105 -8.98 -4.18 47.64
CA PHE A 105 -8.96 -5.00 46.42
C PHE A 105 -8.04 -4.40 45.37
N GLY A 106 -7.75 -5.19 44.33
CA GLY A 106 -6.78 -4.78 43.33
C GLY A 106 -7.23 -5.17 41.93
N ALA A 107 -6.34 -5.02 40.97
CA ALA A 107 -6.66 -5.26 39.56
C ALA A 107 -7.17 -6.67 39.32
N LYS A 108 -6.56 -7.66 39.98
CA LYS A 108 -6.96 -9.05 39.84
C LYS A 108 -8.43 -9.24 40.20
N GLU A 109 -8.86 -8.60 41.29
CA GLU A 109 -10.24 -8.71 41.75
C GLU A 109 -11.17 -8.00 40.77
N VAL A 110 -10.70 -6.90 40.20
CA VAL A 110 -11.50 -6.15 39.22
C VAL A 110 -11.68 -6.97 37.94
N ARG A 111 -10.61 -7.56 37.44
CA ARG A 111 -10.67 -8.33 36.20
C ARG A 111 -11.49 -9.62 36.39
N SER A 112 -11.49 -10.14 37.61
CA SER A 112 -12.23 -11.37 37.91
C SER A 112 -13.59 -11.07 38.52
N LEU A 113 -13.92 -9.78 38.63
CA LEU A 113 -15.24 -9.35 39.10
C LEU A 113 -15.59 -9.89 40.49
N SER A 114 -14.66 -9.81 41.43
CA SER A 114 -14.95 -10.22 42.81
C SER A 114 -16.03 -9.35 43.43
N GLY A 115 -16.79 -9.93 44.35
CA GLY A 115 -17.86 -9.22 45.04
C GLY A 115 -17.46 -7.94 45.73
N ARG A 116 -16.31 -7.96 46.42
CA ARG A 116 -15.82 -6.75 47.09
C ARG A 116 -15.54 -5.63 46.09
N ALA A 117 -14.88 -5.97 44.99
CA ALA A 117 -14.53 -5.00 43.95
C ALA A 117 -15.79 -4.44 43.29
N VAL A 118 -16.62 -5.33 42.77
CA VAL A 118 -17.85 -4.95 42.06
C VAL A 118 -18.76 -4.08 42.93
N ASN A 119 -19.00 -4.51 44.16
CA ASN A 119 -19.89 -3.79 45.05
C ASN A 119 -19.37 -2.41 45.40
N HIS A 120 -18.04 -2.28 45.51
CA HIS A 120 -17.43 -0.99 45.77
C HIS A 120 -17.57 -0.04 44.59
N ILE A 121 -17.33 -0.56 43.39
CA ILE A 121 -17.38 0.26 42.17
C ILE A 121 -18.78 0.81 41.95
N LYS A 122 -19.79 -0.01 42.21
CA LYS A 122 -21.18 0.43 42.11
C LYS A 122 -21.45 1.59 43.05
N SER A 123 -20.90 1.50 44.26
CA SER A 123 -21.05 2.57 45.25
C SER A 123 -20.39 3.86 44.77
N VAL A 124 -19.21 3.74 44.16
CA VAL A 124 -18.50 4.89 43.63
C VAL A 124 -19.30 5.52 42.50
N TRP A 125 -19.84 4.68 41.62
CA TRP A 125 -20.65 5.16 40.51
C TRP A 125 -21.87 5.94 41.01
N LYS A 126 -22.54 5.40 42.03
CA LYS A 126 -23.72 6.06 42.57
C LYS A 126 -23.38 7.40 43.23
N ASP A 127 -22.25 7.46 43.93
CA ASP A 127 -21.79 8.71 44.50
C ASP A 127 -21.49 9.77 43.43
N LEU A 128 -20.94 9.33 42.30
CA LEU A 128 -20.72 10.21 41.17
C LEU A 128 -22.04 10.82 40.69
N LEU A 129 -23.05 9.96 40.60
CA LEU A 129 -24.37 10.35 40.10
C LEU A 129 -25.10 11.30 41.05
N GLU A 130 -24.78 11.19 42.34
CA GLU A 130 -25.53 11.95 43.32
CA GLU A 130 -25.50 11.89 43.41
C GLU A 130 -24.76 13.14 43.89
N ASP A 131 -23.44 13.15 43.74
CA ASP A 131 -22.65 14.28 44.21
C ASP A 131 -21.76 14.80 43.09
N PRO A 132 -22.02 16.03 42.61
CA PRO A 132 -21.22 16.66 41.57
C PRO A 132 -20.25 17.69 42.14
N GLN A 133 -20.06 17.70 43.46
CA GLN A 133 -19.35 18.82 44.08
C GLN A 133 -18.05 18.47 44.80
N THR A 134 -18.08 17.42 45.62
CA THR A 134 -16.95 17.10 46.48
C THR A 134 -15.74 16.61 45.70
N PRO A 135 -14.60 17.33 45.84
CA PRO A 135 -13.35 16.97 45.16
C PRO A 135 -12.95 15.52 45.47
N ILE A 136 -12.50 14.81 44.45
CA ILE A 136 -12.04 13.44 44.61
C ILE A 136 -10.54 13.43 44.89
N PRO A 137 -10.12 12.72 45.95
CA PRO A 137 -8.69 12.69 46.29
C PRO A 137 -7.88 11.95 45.24
N THR A 138 -6.63 12.38 45.09
CA THR A 138 -5.71 11.73 44.17
C THR A 138 -4.40 11.42 44.89
N THR A 139 -3.67 10.46 44.35
CA THR A 139 -2.30 10.21 44.80
C THR A 139 -1.32 10.83 43.81
N ILE A 140 -0.27 11.44 44.33
CA ILE A 140 0.84 11.91 43.50
C ILE A 140 2.09 11.05 43.69
N MET A 141 2.63 10.53 42.59
CA MET A 141 3.84 9.72 42.65
C MET A 141 4.91 10.18 41.67
N ALA A 142 6.18 10.04 42.07
CA ALA A 142 7.28 10.24 41.14
C ALA A 142 7.43 8.98 40.28
N LYS A 143 7.48 9.16 38.97
CA LYS A 143 7.69 8.05 38.06
C LYS A 143 9.10 7.51 38.08
N ASN A 144 9.24 6.21 37.88
CA ASN A 144 10.54 5.59 37.70
C ASN A 144 10.73 5.18 36.23
N GLU A 145 11.48 5.99 35.50
CA GLU A 145 11.72 5.74 34.09
C GLU A 145 13.21 5.82 33.83
N VAL A 146 13.66 5.04 32.85
CA VAL A 146 15.09 4.88 32.61
C VAL A 146 15.56 5.72 31.42
N PHE A 147 16.70 6.39 31.59
CA PHE A 147 17.27 7.18 30.53
C PHE A 147 18.78 7.01 30.49
N CYS A 148 19.38 7.44 29.39
CA CYS A 148 20.82 7.60 29.31
C CYS A 148 21.16 9.04 29.61
N VAL A 149 22.28 9.26 30.30
CA VAL A 149 22.67 10.62 30.64
C VAL A 149 23.00 11.42 29.39
N ASP A 150 22.92 12.74 29.50
CA ASP A 150 23.19 13.62 28.38
C ASP A 150 23.72 14.94 28.93
N PRO A 151 25.00 14.94 29.36
CA PRO A 151 25.67 16.12 29.94
C PRO A 151 25.45 17.38 29.10
N ALA A 152 25.53 17.22 27.79
CA ALA A 152 25.27 18.29 26.82
C ALA A 152 23.92 19.00 27.03
N LYS A 153 23.04 18.41 27.83
CA LYS A 153 21.76 19.03 28.12
C LYS A 153 21.46 18.72 29.58
N GLY A 154 22.53 18.61 30.37
CA GLY A 154 22.51 19.01 31.76
C GLY A 154 22.25 17.89 32.76
N GLY A 155 22.98 16.78 32.62
CA GLY A 155 22.95 15.72 33.60
C GLY A 155 21.75 14.79 33.50
N LYS A 156 20.92 14.82 34.54
CA LYS A 156 19.83 13.85 34.70
C LYS A 156 18.49 14.56 34.78
N LYS A 157 17.50 14.03 34.05
CA LYS A 157 16.14 14.52 34.16
C LYS A 157 15.61 14.21 35.55
N PRO A 158 14.84 15.13 36.13
CA PRO A 158 14.15 14.77 37.37
C PRO A 158 12.94 13.91 37.05
N ALA A 159 12.45 13.15 38.03
CA ALA A 159 11.33 12.25 37.80
C ALA A 159 10.11 13.00 37.32
N ARG A 160 9.36 12.38 36.40
CA ARG A 160 8.06 12.92 36.04
C ARG A 160 7.07 12.61 37.16
N LEU A 161 6.05 13.43 37.29
CA LEU A 161 5.05 13.21 38.33
C LEU A 161 3.77 12.64 37.75
N ILE A 162 3.15 11.72 38.49
CA ILE A 162 1.89 11.14 38.08
C ILE A 162 0.85 11.37 39.18
N VAL A 163 -0.30 11.89 38.78
CA VAL A 163 -1.38 12.20 39.71
C VAL A 163 -2.63 11.43 39.29
N TYR A 164 -3.16 10.60 40.18
CA TYR A 164 -4.24 9.70 39.80
C TYR A 164 -5.15 9.35 40.96
N PRO A 165 -6.42 9.00 40.66
CA PRO A 165 -7.39 8.64 41.70
C PRO A 165 -7.43 7.14 41.95
N ASP A 166 -8.15 6.74 43.00
CA ASP A 166 -8.32 5.34 43.37
C ASP A 166 -8.86 4.47 42.23
N LEU A 167 -8.44 3.20 42.24
CA LEU A 167 -8.85 2.21 41.24
C LEU A 167 -10.35 2.21 40.97
N GLY A 168 -11.15 2.30 42.03
CA GLY A 168 -12.60 2.32 41.90
C GLY A 168 -13.10 3.46 41.04
N VAL A 169 -12.48 4.64 41.19
CA VAL A 169 -12.83 5.78 40.37
C VAL A 169 -12.38 5.59 38.93
N ARG A 170 -11.24 4.94 38.75
CA ARG A 170 -10.69 4.73 37.42
C ARG A 170 -11.57 3.84 36.56
N VAL A 171 -12.15 2.82 37.19
CA VAL A 171 -13.07 1.94 36.48
C VAL A 171 -14.32 2.71 36.05
N CYS A 172 -14.84 3.55 36.94
CA CYS A 172 -15.97 4.42 36.63
C CYS A 172 -15.71 5.35 35.45
N GLU A 173 -14.49 5.86 35.35
CA GLU A 173 -14.11 6.71 34.23
C GLU A 173 -14.36 6.01 32.91
N LYS A 174 -14.04 4.72 32.85
CA LYS A 174 -14.18 3.96 31.63
C LYS A 174 -15.66 3.79 31.28
N MET A 175 -16.48 3.57 32.30
CA MET A 175 -17.92 3.41 32.09
C MET A 175 -18.50 4.68 31.47
N ALA A 176 -18.10 5.83 32.02
CA ALA A 176 -18.61 7.12 31.56
C ALA A 176 -18.04 7.57 30.21
N LEU A 177 -16.74 7.34 29.99
CA LEU A 177 -16.03 8.04 28.92
C LEU A 177 -15.27 7.22 27.89
N TYR A 178 -15.12 5.91 28.08
CA TYR A 178 -14.29 5.12 27.17
C TYR A 178 -14.81 5.13 25.73
N ASP A 179 -16.11 4.97 25.57
CA ASP A 179 -16.70 4.93 24.24
C ASP A 179 -16.48 6.26 23.54
N ILE A 180 -16.56 7.34 24.31
CA ILE A 180 -16.25 8.67 23.80
C ILE A 180 -14.82 8.76 23.26
N THR A 181 -13.86 8.17 23.98
CA THR A 181 -12.46 8.19 23.53
C THR A 181 -12.29 7.47 22.20
N GLN A 182 -13.22 6.58 21.88
CA GLN A 182 -13.12 5.80 20.66
C GLN A 182 -13.78 6.46 19.44
N LYS A 183 -14.52 7.53 19.68
CA LYS A 183 -15.28 8.17 18.60
C LYS A 183 -15.03 9.67 18.47
N LEU A 184 -14.87 10.34 19.61
CA LEU A 184 -14.79 11.81 19.63
C LEU A 184 -13.60 12.42 18.89
N PRO A 185 -12.36 11.96 19.17
CA PRO A 185 -11.22 12.63 18.52
C PRO A 185 -11.31 12.65 17.00
N GLN A 186 -11.70 11.53 16.42
CA GLN A 186 -11.84 11.42 14.96
C GLN A 186 -12.93 12.35 14.44
N ALA A 187 -14.03 12.45 15.18
CA ALA A 187 -15.14 13.27 14.75
C ALA A 187 -14.81 14.76 14.64
N VAL A 188 -13.98 15.26 15.56
CA VAL A 188 -13.72 16.70 15.58
C VAL A 188 -12.43 17.13 14.89
N MET A 189 -11.54 16.19 14.60
CA MET A 189 -10.23 16.57 14.08
C MET A 189 -9.85 15.67 12.91
N GLY A 190 -10.61 14.60 12.70
CA GLY A 190 -10.38 13.69 11.60
C GLY A 190 -8.98 13.09 11.51
N ALA A 191 -8.32 13.33 10.37
CA ALA A 191 -7.05 12.69 10.09
C ALA A 191 -5.91 13.24 10.94
N SER A 192 -6.16 14.36 11.60
CA SER A 192 -5.12 14.99 12.43
C SER A 192 -4.90 14.23 13.74
N TYR A 193 -5.88 13.41 14.11
CA TYR A 193 -5.80 12.59 15.32
C TYR A 193 -4.79 11.46 15.12
N GLY A 194 -3.64 11.56 15.78
CA GLY A 194 -2.54 10.65 15.54
C GLY A 194 -2.65 9.26 16.11
N PHE A 195 -3.34 9.11 17.25
CA PHE A 195 -3.39 7.83 17.96
C PHE A 195 -4.13 6.71 17.23
N GLN A 196 -4.89 7.06 16.20
CA GLN A 196 -5.59 6.06 15.41
C GLN A 196 -4.65 5.34 14.44
N TYR A 197 -3.46 5.90 14.24
CA TYR A 197 -2.54 5.38 13.23
C TYR A 197 -1.53 4.38 13.78
N SER A 198 -1.32 3.31 13.02
CA SER A 198 -0.15 2.45 13.20
C SER A 198 1.06 3.24 12.72
N PRO A 199 2.28 2.83 13.11
CA PRO A 199 3.49 3.51 12.65
C PRO A 199 3.53 3.71 11.13
N ALA A 200 3.14 2.67 10.39
CA ALA A 200 3.09 2.75 8.93
C ALA A 200 2.08 3.80 8.47
N GLN A 201 0.92 3.82 9.12
CA GLN A 201 -0.12 4.77 8.74
C GLN A 201 0.28 6.19 9.09
N ARG A 202 1.02 6.35 10.18
CA ARG A 202 1.52 7.66 10.57
CA ARG A 202 1.52 7.66 10.57
C ARG A 202 2.50 8.18 9.51
N VAL A 203 3.35 7.28 9.01
CA VAL A 203 4.31 7.61 7.98
C VAL A 203 3.59 8.03 6.69
N GLU A 204 2.58 7.25 6.32
CA GLU A 204 1.80 7.52 5.13
C GLU A 204 1.16 8.91 5.22
N TYR A 205 0.58 9.21 6.37
CA TYR A 205 -0.07 10.50 6.60
C TYR A 205 0.91 11.67 6.47
N LEU A 206 2.06 11.56 7.11
CA LEU A 206 3.10 12.58 7.02
C LEU A 206 3.60 12.77 5.59
N LEU A 207 3.80 11.68 4.87
CA LEU A 207 4.17 11.76 3.46
C LEU A 207 3.11 12.51 2.64
N LYS A 208 1.85 12.15 2.82
CA LYS A 208 0.77 12.81 2.10
C LYS A 208 0.75 14.31 2.37
N ALA A 209 0.83 14.69 3.64
CA ALA A 209 0.81 16.09 4.04
C ALA A 209 1.95 16.85 3.36
N TRP A 210 3.12 16.25 3.35
CA TRP A 210 4.32 16.84 2.78
C TRP A 210 4.14 17.05 1.28
N ALA A 211 3.56 16.05 0.63
CA ALA A 211 3.36 16.07 -0.82
C ALA A 211 2.30 17.07 -1.24
N GLU A 212 1.37 17.38 -0.34
CA GLU A 212 0.27 18.26 -0.70
C GLU A 212 0.67 19.73 -0.73
N LYS A 213 1.87 20.03 -0.25
CA LYS A 213 2.37 21.38 -0.29
C LYS A 213 3.17 21.60 -1.57
N LYS A 214 3.04 22.80 -2.15
CA LYS A 214 3.83 23.16 -3.30
C LYS A 214 5.28 23.31 -2.87
N ASP A 215 5.46 23.94 -1.72
CA ASP A 215 6.78 24.12 -1.12
C ASP A 215 6.67 23.88 0.38
N PRO A 216 6.84 22.63 0.81
CA PRO A 216 6.53 22.25 2.19
C PRO A 216 7.48 22.82 3.23
N MET A 217 6.92 23.16 4.39
CA MET A 217 7.71 23.54 5.55
C MET A 217 7.00 22.98 6.76
N GLY A 218 7.74 22.29 7.62
CA GLY A 218 7.15 21.70 8.80
C GLY A 218 7.80 22.21 10.06
N PHE A 219 7.07 22.09 11.17
CA PHE A 219 7.66 22.26 12.48
C PHE A 219 6.90 21.45 13.51
N SER A 220 7.57 21.15 14.61
CA SER A 220 6.92 20.53 15.75
C SER A 220 6.87 21.60 16.83
N TYR A 221 5.86 21.54 17.69
CA TYR A 221 5.74 22.57 18.71
C TYR A 221 5.75 21.92 20.08
N ASP A 222 6.70 22.34 20.91
CA ASP A 222 6.88 21.75 22.21
C ASP A 222 6.39 22.71 23.27
N THR A 223 5.27 22.36 23.90
CA THR A 223 4.74 23.17 24.98
C THR A 223 5.48 22.82 26.26
N ARG A 224 5.95 23.85 26.95
CA ARG A 224 6.56 23.68 28.25
C ARG A 224 5.54 23.15 29.25
N CYS A 225 5.75 21.91 29.69
CA CYS A 225 4.87 21.26 30.66
CA CYS A 225 4.86 21.22 30.63
C CYS A 225 3.38 21.44 30.34
N PHE A 226 2.91 20.82 29.27
CA PHE A 226 1.54 20.97 28.79
C PHE A 226 0.45 20.78 29.84
N ASP A 227 0.50 19.67 30.58
CA ASP A 227 -0.52 19.35 31.59
C ASP A 227 -0.70 20.53 32.55
N SER A 228 0.40 21.16 32.90
CA SER A 228 0.37 22.31 33.81
C SER A 228 -0.20 23.57 33.17
N THR A 229 -0.13 23.66 31.84
CA THR A 229 -0.63 24.83 31.14
C THR A 229 -2.14 24.74 30.92
N VAL A 230 -2.67 23.52 30.97
CA VAL A 230 -4.10 23.31 30.81
C VAL A 230 -4.85 23.94 31.99
N THR A 231 -5.78 24.84 31.69
CA THR A 231 -6.47 25.60 32.72
C THR A 231 -7.81 24.97 33.07
N GLU A 232 -8.37 25.40 34.19
CA GLU A 232 -9.70 24.99 34.62
C GLU A 232 -10.73 25.26 33.53
N ARG A 233 -10.63 26.42 32.88
CA ARG A 233 -11.47 26.74 31.74
C ARG A 233 -11.33 25.74 30.59
N ASP A 234 -10.09 25.41 30.24
CA ASP A 234 -9.80 24.42 29.21
C ASP A 234 -10.54 23.11 29.48
N ILE A 235 -10.48 22.69 30.74
CA ILE A 235 -11.05 21.41 31.15
C ILE A 235 -12.57 21.42 31.11
N ARG A 236 -13.18 22.53 31.53
CA ARG A 236 -14.62 22.68 31.45
C ARG A 236 -15.08 22.81 29.99
N THR A 237 -14.22 23.40 29.16
CA THR A 237 -14.46 23.42 27.72
C THR A 237 -14.49 22.02 27.13
N GLU A 238 -13.53 21.19 27.55
CA GLU A 238 -13.52 19.78 27.16
C GLU A 238 -14.83 19.09 27.51
N GLU A 239 -15.32 19.29 28.74
CA GLU A 239 -16.62 18.75 29.12
C GLU A 239 -17.75 19.19 28.18
N SER A 240 -17.76 20.47 27.79
CA SER A 240 -18.84 20.95 26.93
C SER A 240 -18.73 20.36 25.54
N ILE A 241 -17.51 19.96 25.16
CA ILE A 241 -17.32 19.20 23.93
C ILE A 241 -17.84 17.77 24.09
N TYR A 242 -17.59 17.17 25.26
CA TYR A 242 -18.08 15.82 25.53
C TYR A 242 -19.60 15.84 25.48
N GLN A 243 -20.18 16.84 26.13
CA GLN A 243 -21.64 16.95 26.25
C GLN A 243 -22.32 17.30 24.92
N ALA A 244 -21.53 17.75 23.96
CA ALA A 244 -22.07 18.05 22.63
C ALA A 244 -22.46 16.76 21.92
N CYS A 245 -21.87 15.64 22.35
CA CYS A 245 -22.21 14.33 21.80
C CYS A 245 -23.62 13.94 22.24
N SER A 246 -24.20 12.99 21.50
CA SER A 246 -25.46 12.38 21.91
C SER A 246 -25.15 11.29 22.92
N LEU A 247 -25.61 11.47 24.16
CA LEU A 247 -25.24 10.60 25.26
C LEU A 247 -26.47 10.30 26.12
N PRO A 248 -26.49 9.13 26.77
CA PRO A 248 -27.56 8.88 27.74
C PRO A 248 -27.41 9.80 28.93
N GLU A 249 -28.54 10.13 29.55
CA GLU A 249 -28.59 11.06 30.67
C GLU A 249 -27.61 10.69 31.79
N GLU A 250 -27.55 9.41 32.10
CA GLU A 250 -26.68 8.92 33.18
C GLU A 250 -25.22 9.21 32.88
N ALA A 251 -24.83 9.09 31.62
CA ALA A 251 -23.47 9.41 31.19
C ALA A 251 -23.18 10.90 31.38
N ARG A 252 -24.12 11.75 30.96
CA ARG A 252 -23.99 13.19 31.13
C ARG A 252 -23.71 13.56 32.60
N THR A 253 -24.47 12.93 33.50
CA THR A 253 -24.35 13.20 34.92
C THR A 253 -22.96 12.85 35.44
N ALA A 254 -22.55 11.60 35.21
CA ALA A 254 -21.25 11.11 35.66
C ALA A 254 -20.08 11.92 35.09
N ILE A 255 -20.20 12.29 33.82
CA ILE A 255 -19.17 13.06 33.14
C ILE A 255 -19.03 14.44 33.77
N HIS A 256 -20.15 15.06 34.12
CA HIS A 256 -20.12 16.35 34.78
C HIS A 256 -19.51 16.27 36.17
N SER A 257 -19.89 15.25 36.91
CA SER A 257 -19.32 15.00 38.24
C SER A 257 -17.81 14.77 38.18
N LEU A 258 -17.38 13.92 37.27
CA LEU A 258 -15.95 13.65 37.12
C LEU A 258 -15.18 14.91 36.76
N THR A 259 -15.80 15.77 35.93
CA THR A 259 -15.16 17.00 35.52
C THR A 259 -14.97 17.93 36.71
N GLU A 260 -16.03 18.14 37.47
CA GLU A 260 -15.98 19.07 38.59
C GLU A 260 -15.22 18.54 39.81
N ARG A 261 -15.32 17.23 40.04
CA ARG A 261 -14.75 16.63 41.23
C ARG A 261 -13.33 16.12 41.01
N LEU A 262 -12.99 15.82 39.75
CA LEU A 262 -11.70 15.19 39.46
C LEU A 262 -10.88 15.96 38.42
N TYR A 263 -11.40 16.07 37.21
CA TYR A 263 -10.64 16.64 36.10
C TYR A 263 -10.20 18.10 36.28
N VAL A 264 -11.06 18.95 36.83
CA VAL A 264 -10.70 20.36 36.96
C VAL A 264 -9.69 20.62 38.06
N GLY A 265 -9.51 19.66 38.96
CA GLY A 265 -8.59 19.84 40.07
C GLY A 265 -8.98 19.08 41.31
N GLY A 266 -8.22 19.27 42.38
CA GLY A 266 -8.43 18.51 43.60
C GLY A 266 -7.17 18.30 44.42
N PRO A 267 -7.35 17.78 45.65
CA PRO A 267 -6.25 17.60 46.60
C PRO A 267 -5.38 16.40 46.24
N MET A 268 -4.08 16.53 46.50
CA MET A 268 -3.13 15.47 46.19
C MET A 268 -2.51 14.93 47.46
N PHE A 269 -2.43 13.63 47.57
CA PHE A 269 -1.83 12.99 48.73
C PHE A 269 -0.60 12.19 48.34
N ASN A 270 0.37 12.09 49.25
CA ASN A 270 1.53 11.24 48.98
C ASN A 270 1.23 9.80 49.36
N SER A 271 2.17 8.91 49.07
CA SER A 271 1.97 7.48 49.31
C SER A 271 1.69 7.19 50.79
N LYS A 272 2.16 8.07 51.67
CA LYS A 272 1.94 7.92 53.10
C LYS A 272 0.60 8.47 53.57
N GLY A 273 -0.15 9.09 52.67
CA GLY A 273 -1.47 9.59 53.02
C GLY A 273 -1.49 11.02 53.56
N GLN A 274 -0.34 11.69 53.53
CA GLN A 274 -0.27 13.08 53.93
C GLN A 274 -0.75 13.99 52.80
N THR A 275 -1.43 15.07 53.18
CA THR A 275 -1.87 16.05 52.19
C THR A 275 -0.63 16.68 51.58
N CYS A 276 -0.53 16.63 50.26
CA CYS A 276 0.70 17.03 49.59
C CYS A 276 0.53 18.38 48.89
N GLY A 277 -0.64 18.57 48.29
CA GLY A 277 -0.95 19.83 47.64
C GLY A 277 -2.28 19.82 46.93
N TYR A 278 -2.48 20.81 46.08
CA TYR A 278 -3.75 20.95 45.35
C TYR A 278 -3.49 21.25 43.88
N ARG A 279 -4.22 20.56 43.01
CA ARG A 279 -4.01 20.67 41.57
C ARG A 279 -5.11 21.53 40.94
N ARG A 280 -4.72 22.41 40.02
CA ARG A 280 -5.69 23.20 39.27
C ARG A 280 -5.41 23.09 37.78
N CYS A 281 -4.82 21.97 37.38
CA CYS A 281 -4.52 21.73 35.98
C CYS A 281 -4.86 20.30 35.59
N ARG A 282 -4.39 19.87 34.43
CA ARG A 282 -4.63 18.51 33.96
C ARG A 282 -4.00 17.50 34.91
N ALA A 283 -4.77 16.47 35.26
CA ALA A 283 -4.24 15.33 35.98
C ALA A 283 -3.54 14.41 34.98
N SER A 284 -2.30 14.05 35.27
CA SER A 284 -1.51 13.27 34.31
C SER A 284 -1.92 11.81 34.27
N GLY A 285 -2.72 11.38 35.24
CA GLY A 285 -3.07 9.98 35.36
C GLY A 285 -4.54 9.62 35.35
N VAL A 286 -5.33 10.32 34.54
CA VAL A 286 -6.75 9.98 34.41
C VAL A 286 -7.03 9.50 33.00
N LEU A 287 -8.22 8.95 32.77
CA LEU A 287 -8.57 8.40 31.48
C LEU A 287 -8.54 9.46 30.37
N THR A 288 -8.90 10.68 30.73
CA THR A 288 -9.06 11.76 29.75
C THR A 288 -7.80 12.58 29.48
N THR A 289 -6.71 12.26 30.17
CA THR A 289 -5.44 12.96 30.00
C THR A 289 -5.04 13.09 28.53
N SER A 290 -5.12 11.98 27.81
CA SER A 290 -4.62 11.93 26.45
C SER A 290 -5.61 12.51 25.44
N MET A 291 -6.86 12.06 25.50
CA MET A 291 -7.91 12.64 24.68
C MET A 291 -8.05 14.14 24.91
N GLY A 292 -8.08 14.55 26.18
CA GLY A 292 -8.22 15.94 26.53
C GLY A 292 -7.08 16.79 26.00
N ASN A 293 -5.86 16.33 26.20
CA ASN A 293 -4.70 17.04 25.69
C ASN A 293 -4.76 17.16 24.18
N THR A 294 -5.10 16.06 23.52
CA THR A 294 -5.21 16.01 22.06
C THR A 294 -6.20 17.04 21.54
N ILE A 295 -7.38 17.07 22.15
CA ILE A 295 -8.43 17.99 21.73
C ILE A 295 -8.06 19.45 22.02
N THR A 296 -7.54 19.69 23.21
CA THR A 296 -7.23 21.05 23.64
C THR A 296 -6.02 21.59 22.87
N CYS A 297 -5.05 20.71 22.60
CA CYS A 297 -3.91 21.09 21.78
C CYS A 297 -4.35 21.42 20.36
N TYR A 298 -5.23 20.60 19.81
CA TYR A 298 -5.72 20.82 18.44
C TYR A 298 -6.45 22.16 18.34
N VAL A 299 -7.32 22.45 19.33
CA VAL A 299 -8.07 23.69 19.33
C VAL A 299 -7.14 24.88 19.33
N LYS A 300 -6.20 24.89 20.29
CA LYS A 300 -5.25 25.98 20.42
C LYS A 300 -4.32 26.11 19.21
N ALA A 301 -3.89 24.98 18.68
CA ALA A 301 -2.95 24.97 17.55
C ALA A 301 -3.59 25.52 16.28
N LEU A 302 -4.76 24.98 15.95
CA LEU A 302 -5.50 25.41 14.76
C LEU A 302 -5.85 26.89 14.85
N ALA A 303 -6.21 27.33 16.05
CA ALA A 303 -6.55 28.73 16.26
C ALA A 303 -5.30 29.58 16.09
N ALA A 304 -4.19 29.10 16.63
CA ALA A 304 -2.91 29.80 16.49
C ALA A 304 -2.47 29.89 15.03
N CYS A 305 -2.80 28.86 14.25
CA CYS A 305 -2.48 28.84 12.83
C CYS A 305 -3.24 29.96 12.13
N LYS A 306 -4.50 30.13 12.53
CA LYS A 306 -5.34 31.18 11.95
C LYS A 306 -4.86 32.56 12.40
N ALA A 307 -4.57 32.67 13.69
CA ALA A 307 -4.01 33.90 14.25
C ALA A 307 -2.71 34.33 13.53
N ALA A 308 -1.87 33.36 13.20
CA ALA A 308 -0.58 33.67 12.61
C ALA A 308 -0.64 33.76 11.09
N GLY A 309 -1.70 33.19 10.51
CA GLY A 309 -1.85 33.20 9.07
C GLY A 309 -1.03 32.11 8.42
N ILE A 310 -0.78 31.03 9.15
CA ILE A 310 -0.10 29.87 8.60
C ILE A 310 -0.87 29.43 7.36
N VAL A 311 -0.16 29.28 6.24
CA VAL A 311 -0.82 29.02 4.98
C VAL A 311 -1.01 27.52 4.71
N ALA A 312 -2.28 27.12 4.66
CA ALA A 312 -2.67 25.74 4.40
C ALA A 312 -2.06 24.73 5.38
N PRO A 313 -2.34 24.89 6.70
CA PRO A 313 -1.74 24.00 7.67
C PRO A 313 -2.33 22.59 7.65
N THR A 314 -1.48 21.58 7.74
CA THR A 314 -1.93 20.21 7.95
C THR A 314 -1.25 19.74 9.22
N MET A 315 -2.06 19.25 10.16
CA MET A 315 -1.59 18.98 11.50
C MET A 315 -1.64 17.51 11.86
N LEU A 316 -0.73 17.11 12.76
CA LEU A 316 -0.75 15.79 13.36
C LEU A 316 -0.65 15.98 14.87
N VAL A 317 -1.67 15.54 15.59
CA VAL A 317 -1.75 15.79 17.02
C VAL A 317 -1.81 14.49 17.80
N CYS A 318 -0.91 14.34 18.77
CA CYS A 318 -0.93 13.22 19.68
C CYS A 318 -0.72 13.71 21.11
N GLY A 319 -1.81 13.88 21.85
CA GLY A 319 -1.71 14.49 23.16
C GLY A 319 -1.10 15.87 23.02
N ASP A 320 -0.09 16.16 23.83
CA ASP A 320 0.60 17.44 23.77
C ASP A 320 1.57 17.52 22.60
N ASP A 321 1.73 16.41 21.88
CA ASP A 321 2.67 16.37 20.75
C ASP A 321 2.04 16.89 19.46
N LEU A 322 2.71 17.86 18.84
CA LEU A 322 2.10 18.59 17.72
C LEU A 322 3.06 18.85 16.57
N VAL A 323 2.67 18.39 15.38
CA VAL A 323 3.39 18.72 14.15
C VAL A 323 2.48 19.48 13.20
N VAL A 324 2.99 20.58 12.63
CA VAL A 324 2.26 21.35 11.62
C VAL A 324 3.05 21.39 10.31
N ILE A 325 2.44 20.91 9.23
CA ILE A 325 3.05 21.02 7.91
C ILE A 325 2.24 21.96 7.01
N SER A 326 2.92 22.94 6.41
CA SER A 326 2.23 23.95 5.62
C SER A 326 3.04 24.45 4.42
N GLU A 327 2.46 25.41 3.69
CA GLU A 327 3.12 26.03 2.55
C GLU A 327 4.15 27.06 3.03
N SER A 328 5.40 26.85 2.66
CA SER A 328 6.45 27.82 2.97
C SER A 328 6.15 29.15 2.29
N GLN A 329 6.44 30.25 2.98
CA GLN A 329 6.23 31.57 2.43
C GLN A 329 7.56 32.27 2.26
N GLY A 330 8.64 31.51 2.30
CA GLY A 330 9.98 32.07 2.27
C GLY A 330 10.67 31.94 3.62
N THR A 331 12.00 31.99 3.60
CA THR A 331 12.81 31.78 4.79
C THR A 331 12.50 32.73 5.95
N GLU A 332 12.57 34.04 5.72
CA GLU A 332 12.32 35.01 6.77
C GLU A 332 10.84 35.04 7.15
N GLU A 333 9.97 34.85 6.16
CA GLU A 333 8.54 34.89 6.38
C GLU A 333 8.15 33.75 7.32
N ASP A 334 8.72 32.57 7.08
CA ASP A 334 8.46 31.42 7.93
C ASP A 334 8.90 31.65 9.37
N GLU A 335 10.10 32.19 9.55
CA GLU A 335 10.59 32.55 10.88
C GLU A 335 9.61 33.50 11.55
N ARG A 336 9.18 34.51 10.78
CA ARG A 336 8.20 35.46 11.28
C ARG A 336 6.90 34.77 11.68
N ASN A 337 6.32 34.02 10.74
CA ASN A 337 5.06 33.34 10.96
C ASN A 337 5.07 32.38 12.16
N LEU A 338 6.16 31.64 12.33
CA LEU A 338 6.31 30.74 13.47
C LEU A 338 6.35 31.50 14.80
N ARG A 339 7.00 32.66 14.78
CA ARG A 339 7.04 33.52 15.97
C ARG A 339 5.62 33.94 16.36
N ALA A 340 4.83 34.30 15.35
CA ALA A 340 3.46 34.76 15.58
C ALA A 340 2.58 33.61 16.08
N PHE A 341 2.81 32.41 15.54
CA PHE A 341 2.11 31.22 16.00
C PHE A 341 2.40 31.00 17.47
N THR A 342 3.68 31.09 17.83
CA THR A 342 4.13 30.96 19.21
C THR A 342 3.48 31.97 20.15
N GLU A 343 3.38 33.22 19.73
CA GLU A 343 2.75 34.25 20.55
C GLU A 343 1.26 33.96 20.77
N ALA A 344 0.59 33.45 19.73
CA ALA A 344 -0.80 33.07 19.85
C ALA A 344 -0.97 31.90 20.83
N MET A 345 -0.15 30.86 20.66
CA MET A 345 -0.15 29.71 21.57
C MET A 345 0.10 30.13 23.01
N THR A 346 1.02 31.07 23.19
CA THR A 346 1.36 31.60 24.50
C THR A 346 0.16 32.30 25.13
N ARG A 347 -0.57 33.09 24.34
CA ARG A 347 -1.75 33.78 24.83
C ARG A 347 -2.83 32.77 25.23
N TYR A 348 -2.87 31.64 24.54
CA TYR A 348 -3.87 30.62 24.80
C TYR A 348 -3.46 29.75 25.98
N SER A 349 -2.34 30.12 26.60
CA SER A 349 -1.75 29.39 27.73
C SER A 349 -1.06 28.11 27.28
N ALA A 350 -0.29 28.20 26.20
CA ALA A 350 0.60 27.11 25.82
C ALA A 350 1.94 27.64 25.33
N PRO A 351 2.73 28.27 26.22
CA PRO A 351 4.04 28.77 25.83
C PRO A 351 5.00 27.62 25.50
N PRO A 352 6.03 27.89 24.68
CA PRO A 352 6.95 26.84 24.23
C PRO A 352 8.01 26.48 25.27
N GLY A 353 8.55 25.28 25.17
CA GLY A 353 9.77 24.93 25.87
C GLY A 353 10.92 25.51 25.06
N ASP A 354 11.34 24.77 24.04
CA ASP A 354 12.25 25.35 23.05
C ASP A 354 11.40 25.90 21.92
N PRO A 355 11.80 27.05 21.37
CA PRO A 355 10.99 27.65 20.31
C PRO A 355 11.04 26.80 19.06
N PRO A 356 9.93 26.77 18.30
CA PRO A 356 9.86 25.95 17.09
C PRO A 356 10.78 26.50 16.01
N ARG A 357 11.21 25.60 15.13
CA ARG A 357 12.13 25.92 14.07
C ARG A 357 11.55 25.45 12.75
N PRO A 358 11.62 26.29 11.71
CA PRO A 358 11.10 25.79 10.43
C PRO A 358 12.01 24.69 9.90
N GLU A 359 11.43 23.61 9.41
CA GLU A 359 12.22 22.54 8.83
C GLU A 359 11.75 22.29 7.41
N TYR A 360 12.70 22.05 6.51
CA TYR A 360 12.40 21.83 5.11
C TYR A 360 12.78 20.44 4.62
N ASP A 361 13.11 19.56 5.56
CA ASP A 361 13.43 18.16 5.25
C ASP A 361 12.57 17.28 6.16
N LEU A 362 11.71 16.48 5.54
CA LEU A 362 10.75 15.66 6.29
C LEU A 362 11.42 14.69 7.27
N GLU A 363 12.57 14.16 6.89
CA GLU A 363 13.28 13.23 7.76
C GLU A 363 13.71 13.87 9.07
N LEU A 364 13.83 15.20 9.05
CA LEU A 364 14.29 15.94 10.23
C LEU A 364 13.13 16.32 11.15
N ILE A 365 11.91 16.01 10.75
CA ILE A 365 10.75 16.35 11.57
C ILE A 365 10.46 15.26 12.60
N THR A 366 10.53 15.66 13.86
CA THR A 366 10.27 14.78 14.99
C THR A 366 8.87 14.86 15.57
N SER A 367 8.14 13.73 15.51
CA SER A 367 6.78 13.67 16.02
C SER A 367 6.70 12.47 16.95
N CYS A 368 6.39 12.72 18.22
CA CYS A 368 6.37 11.69 19.25
C CYS A 368 7.74 11.02 19.31
N SER A 369 8.79 11.83 19.35
CA SER A 369 10.17 11.36 19.37
C SER A 369 10.55 10.51 18.16
N SER A 370 9.72 10.52 17.13
CA SER A 370 9.94 9.65 15.97
C SER A 370 10.08 10.49 14.72
N ASN A 371 10.64 9.89 13.67
CA ASN A 371 10.75 10.54 12.38
C ASN A 371 10.62 9.56 11.23
N VAL A 372 10.24 10.08 10.07
CA VAL A 372 10.16 9.28 8.86
C VAL A 372 11.57 9.12 8.28
N SER A 373 11.88 7.91 7.86
CA SER A 373 13.12 7.65 7.13
C SER A 373 12.86 6.74 5.94
N VAL A 374 13.91 6.45 5.19
CA VAL A 374 13.77 5.71 3.96
C VAL A 374 14.85 4.64 3.87
N ALA A 375 14.50 3.50 3.28
CA ALA A 375 15.46 2.44 3.00
C ALA A 375 15.04 1.77 1.71
N LEU A 376 15.72 0.70 1.34
CA LEU A 376 15.35 -0.03 0.14
C LEU A 376 14.73 -1.35 0.53
N GLY A 377 13.68 -1.73 -0.17
CA GLY A 377 13.00 -2.99 0.07
C GLY A 377 13.62 -4.05 -0.81
N PRO A 378 13.01 -5.25 -0.82
CA PRO A 378 13.41 -6.15 -1.90
C PRO A 378 12.91 -5.53 -3.21
N ARG A 379 13.38 -6.03 -4.35
CA ARG A 379 13.08 -5.40 -5.63
C ARG A 379 13.55 -3.95 -5.79
N GLY A 380 14.27 -3.44 -4.79
CA GLY A 380 15.05 -2.23 -4.93
C GLY A 380 14.32 -0.91 -4.79
N ARG A 381 13.05 -0.95 -4.41
CA ARG A 381 12.24 0.26 -4.34
C ARG A 381 12.37 0.93 -2.98
N ARG A 382 12.25 2.26 -2.97
CA ARG A 382 12.30 3.01 -1.72
C ARG A 382 11.09 2.71 -0.87
N ARG A 383 11.33 2.58 0.44
CA ARG A 383 10.29 2.24 1.40
C ARG A 383 10.47 3.16 2.59
N TYR A 384 9.41 3.86 2.94
CA TYR A 384 9.44 4.80 4.04
C TYR A 384 8.96 4.07 5.30
N TYR A 385 9.48 4.49 6.44
CA TYR A 385 9.19 3.80 7.70
C TYR A 385 9.50 4.71 8.87
N LEU A 386 8.91 4.40 10.01
CA LEU A 386 9.11 5.21 11.21
C LEU A 386 10.26 4.70 12.06
N THR A 387 11.11 5.62 12.50
CA THR A 387 12.24 5.26 13.36
C THR A 387 12.44 6.33 14.43
N ARG A 388 13.53 6.21 15.18
CA ARG A 388 13.86 7.17 16.23
C ARG A 388 15.26 6.87 16.75
N ASP A 389 15.82 7.83 17.48
CA ASP A 389 17.09 7.61 18.16
C ASP A 389 16.90 6.47 19.17
N PRO A 390 17.73 5.43 19.07
CA PRO A 390 17.57 4.18 19.83
C PRO A 390 18.12 4.24 21.25
N THR A 391 18.74 5.37 21.62
CA THR A 391 19.42 5.51 22.90
C THR A 391 18.53 5.10 24.08
N THR A 392 17.36 5.71 24.17
CA THR A 392 16.45 5.43 25.28
C THR A 392 15.86 4.01 25.26
N PRO A 393 15.34 3.56 24.09
CA PRO A 393 14.95 2.14 24.00
C PRO A 393 16.03 1.17 24.44
N LEU A 394 17.29 1.44 24.08
CA LEU A 394 18.40 0.57 24.45
C LEU A 394 18.70 0.61 25.94
N ALA A 395 18.77 1.83 26.50
CA ALA A 395 18.99 2.00 27.93
C ALA A 395 17.91 1.28 28.73
N ARG A 396 16.67 1.37 28.27
CA ARG A 396 15.56 0.71 28.94
C ARG A 396 15.61 -0.80 28.74
N ALA A 397 16.03 -1.22 27.55
CA ALA A 397 16.13 -2.65 27.25
C ALA A 397 17.17 -3.31 28.15
N ALA A 398 18.25 -2.58 28.44
CA ALA A 398 19.29 -3.06 29.33
C ALA A 398 18.75 -3.25 30.75
N TRP A 399 18.08 -2.22 31.24
CA TRP A 399 17.50 -2.23 32.57
C TRP A 399 16.50 -3.36 32.74
N GLU A 400 15.65 -3.54 31.72
CA GLU A 400 14.59 -4.55 31.78
C GLU A 400 15.11 -5.97 31.64
N THR A 401 16.35 -6.11 31.19
CA THR A 401 16.98 -7.41 31.06
C THR A 401 17.33 -7.97 32.45
N VAL A 402 17.68 -7.07 33.35
CA VAL A 402 18.11 -7.45 34.70
C VAL A 402 17.09 -7.17 35.80
N ARG A 403 16.26 -6.15 35.61
CA ARG A 403 15.17 -5.87 36.53
C ARG A 403 13.85 -6.12 35.81
N HIS A 404 13.16 -7.19 36.20
CA HIS A 404 11.94 -7.58 35.52
C HIS A 404 10.75 -6.73 35.93
N SER A 405 10.14 -6.07 34.96
CA SER A 405 8.99 -5.21 35.19
C SER A 405 7.74 -5.90 34.65
N PRO A 406 6.58 -5.66 35.29
CA PRO A 406 5.33 -6.22 34.75
C PRO A 406 4.95 -5.58 33.41
N ILE A 407 5.47 -4.39 33.13
CA ILE A 407 5.35 -3.78 31.82
C ILE A 407 6.75 -3.52 31.25
N ASN A 408 7.02 -4.07 30.08
N ASN A 408 7.01 -4.05 30.06
CA ASN A 408 8.33 -3.94 29.47
CA ASN A 408 8.32 -4.00 29.42
C ASN A 408 8.23 -2.98 28.30
C ASN A 408 8.34 -3.11 28.17
N SER A 409 9.24 -2.14 28.13
CA SER A 409 9.24 -1.20 27.02
C SER A 409 9.75 -1.85 25.72
N TRP A 410 10.68 -2.80 25.84
CA TRP A 410 11.34 -3.40 24.67
C TRP A 410 10.44 -4.11 23.66
N LEU A 411 9.41 -4.81 24.14
CA LEU A 411 8.49 -5.52 23.24
C LEU A 411 7.67 -4.51 22.43
N GLY A 412 7.36 -3.38 23.05
CA GLY A 412 6.67 -2.31 22.36
C GLY A 412 7.54 -1.72 21.26
N ASN A 413 8.80 -1.46 21.60
CA ASN A 413 9.76 -0.94 20.63
C ASN A 413 9.99 -1.88 19.44
N ILE A 414 10.05 -3.18 19.71
CA ILE A 414 10.25 -4.16 18.65
C ILE A 414 9.06 -4.13 17.69
N ILE A 415 7.86 -3.98 18.25
CA ILE A 415 6.64 -3.99 17.45
C ILE A 415 6.48 -2.68 16.65
N GLN A 416 6.67 -1.55 17.32
CA GLN A 416 6.50 -0.25 16.67
C GLN A 416 7.59 -0.01 15.63
N TYR A 417 8.81 -0.40 15.96
CA TYR A 417 9.96 -0.06 15.15
C TYR A 417 10.57 -1.29 14.48
N ALA A 418 9.71 -2.26 14.17
CA ALA A 418 10.13 -3.51 13.54
C ALA A 418 11.04 -3.40 12.29
N PRO A 419 10.74 -2.47 11.37
CA PRO A 419 11.62 -2.46 10.20
C PRO A 419 12.92 -1.68 10.41
N THR A 420 13.14 -1.15 11.60
CA THR A 420 14.34 -0.35 11.84
C THR A 420 15.56 -1.24 11.99
N ILE A 421 16.74 -0.70 11.70
CA ILE A 421 17.95 -1.50 11.72
C ILE A 421 18.37 -1.81 13.16
N TRP A 422 17.96 -0.96 14.10
CA TRP A 422 18.38 -1.14 15.48
C TRP A 422 17.53 -2.17 16.22
N VAL A 423 16.25 -2.25 15.87
CA VAL A 423 15.38 -3.30 16.39
C VAL A 423 15.83 -4.64 15.81
N ARG A 424 16.02 -4.66 14.49
CA ARG A 424 16.34 -5.90 13.77
C ARG A 424 17.68 -6.51 14.16
N MET A 425 18.70 -5.66 14.30
CA MET A 425 20.05 -6.18 14.52
C MET A 425 20.39 -6.25 16.01
N VAL A 426 19.79 -5.39 16.81
CA VAL A 426 20.14 -5.31 18.23
C VAL A 426 19.05 -5.87 19.17
N LEU A 427 17.89 -5.23 19.20
CA LEU A 427 16.84 -5.63 20.14
C LEU A 427 16.31 -7.05 19.90
N MET A 428 16.07 -7.40 18.64
CA MET A 428 15.58 -8.74 18.33
C MET A 428 16.60 -9.79 18.70
N THR A 429 17.84 -9.56 18.31
CA THR A 429 18.94 -10.49 18.58
C THR A 429 19.09 -10.68 20.08
N HIS A 430 19.08 -9.58 20.83
CA HIS A 430 19.33 -9.62 22.26
C HIS A 430 18.22 -10.34 23.04
N PHE A 431 16.96 -9.97 22.77
CA PHE A 431 15.84 -10.51 23.54
C PHE A 431 15.46 -11.95 23.23
N PHE A 432 15.58 -12.36 21.97
CA PHE A 432 15.41 -13.77 21.64
C PHE A 432 16.48 -14.65 22.28
N SER A 433 17.67 -14.07 22.47
CA SER A 433 18.73 -14.78 23.16
C SER A 433 18.33 -14.93 24.63
N ILE A 434 18.00 -13.81 25.25
CA ILE A 434 17.55 -13.78 26.64
C ILE A 434 16.40 -14.74 26.93
N LEU A 435 15.42 -14.78 26.02
CA LEU A 435 14.27 -15.65 26.20
C LEU A 435 14.64 -17.12 26.17
N MET A 436 15.62 -17.46 25.34
CA MET A 436 16.13 -18.84 25.31
C MET A 436 16.94 -19.18 26.56
N VAL A 437 17.77 -18.24 27.00
CA VAL A 437 18.53 -18.41 28.23
C VAL A 437 17.61 -18.66 29.42
N GLN A 438 16.52 -17.89 29.48
CA GLN A 438 15.52 -18.02 30.53
C GLN A 438 14.52 -19.14 30.24
N ASP A 439 14.50 -19.59 28.98
CA ASP A 439 13.56 -20.61 28.52
C ASP A 439 12.11 -20.16 28.69
N THR A 440 11.82 -18.92 28.29
CA THR A 440 10.46 -18.40 28.38
C THR A 440 9.97 -17.81 27.05
N LEU A 441 10.38 -18.43 25.95
CA LEU A 441 9.97 -17.97 24.62
C LEU A 441 8.45 -17.95 24.51
N ASP A 442 7.83 -19.07 24.88
CA ASP A 442 6.41 -19.26 24.69
C ASP A 442 5.61 -18.72 25.87
N GLN A 443 5.68 -17.42 26.10
CA GLN A 443 4.98 -16.82 27.23
C GLN A 443 4.54 -15.38 26.89
N ASN A 444 3.28 -15.08 27.16
CA ASN A 444 2.73 -13.75 26.92
C ASN A 444 3.35 -12.71 27.85
N LEU A 445 3.66 -11.54 27.30
CA LEU A 445 4.20 -10.45 28.11
C LEU A 445 3.38 -9.19 27.93
N ASN A 446 3.33 -8.39 28.99
CA ASN A 446 2.63 -7.11 28.94
C ASN A 446 3.61 -5.99 28.63
N PHE A 447 3.17 -5.03 27.83
CA PHE A 447 4.04 -3.92 27.46
C PHE A 447 3.26 -2.65 27.20
N GLU A 448 3.93 -1.52 27.33
CA GLU A 448 3.32 -0.23 27.05
C GLU A 448 3.59 0.17 25.60
N MET A 449 2.59 0.78 24.97
CA MET A 449 2.67 1.24 23.58
C MET A 449 1.53 2.22 23.37
N TYR A 450 1.86 3.39 22.81
CA TYR A 450 0.92 4.50 22.69
C TYR A 450 0.32 4.78 24.06
N GLY A 451 1.17 4.73 25.07
CA GLY A 451 0.79 4.99 26.44
C GLY A 451 -0.28 4.09 27.03
N SER A 452 -0.49 2.91 26.45
CA SER A 452 -1.44 1.95 27.04
C SER A 452 -0.88 0.53 27.07
N VAL A 453 -1.62 -0.39 27.66
CA VAL A 453 -1.08 -1.73 27.88
C VAL A 453 -1.58 -2.79 26.89
N TYR A 454 -0.66 -3.62 26.42
CA TYR A 454 -0.96 -4.70 25.49
C TYR A 454 -0.29 -6.00 25.94
N SER A 455 -0.81 -7.12 25.47
CA SER A 455 -0.23 -8.42 25.78
C SER A 455 0.05 -9.23 24.52
N VAL A 456 1.30 -9.62 24.36
CA VAL A 456 1.74 -10.31 23.15
C VAL A 456 2.70 -11.46 23.47
N ASN A 457 2.55 -12.57 22.75
CA ASN A 457 3.50 -13.66 22.79
C ASN A 457 4.58 -13.44 21.74
N PRO A 458 5.85 -13.36 22.17
CA PRO A 458 6.99 -13.12 21.28
C PRO A 458 7.05 -14.05 20.07
N LEU A 459 6.62 -15.30 20.26
CA LEU A 459 6.56 -16.26 19.17
C LEU A 459 5.60 -15.85 18.04
N ASP A 460 4.71 -14.91 18.34
CA ASP A 460 3.76 -14.40 17.34
C ASP A 460 4.25 -13.16 16.59
N LEU A 461 5.41 -12.64 16.96
CA LEU A 461 5.97 -11.45 16.31
C LEU A 461 6.01 -11.45 14.77
N PRO A 462 6.37 -12.58 14.14
CA PRO A 462 6.39 -12.54 12.67
C PRO A 462 5.04 -12.15 12.05
N ALA A 463 3.96 -12.76 12.49
CA ALA A 463 2.64 -12.47 11.95
C ALA A 463 2.21 -11.05 12.29
N ILE A 464 2.51 -10.62 13.51
CA ILE A 464 2.18 -9.27 13.96
C ILE A 464 2.94 -8.22 13.15
N ILE A 465 4.23 -8.46 12.94
CA ILE A 465 5.06 -7.52 12.19
C ILE A 465 4.65 -7.45 10.72
N GLU A 466 4.31 -8.59 10.13
CA GLU A 466 3.83 -8.61 8.76
C GLU A 466 2.52 -7.83 8.63
N ARG A 467 1.58 -8.10 9.52
CA ARG A 467 0.30 -7.39 9.53
C ARG A 467 0.46 -5.88 9.63
N LEU A 468 1.27 -5.43 10.59
CA LEU A 468 1.49 -4.01 10.80
C LEU A 468 2.40 -3.34 9.77
N HIS A 469 3.46 -4.03 9.35
CA HIS A 469 4.51 -3.40 8.57
C HIS A 469 4.71 -3.97 7.17
N GLY A 470 3.97 -5.03 6.84
CA GLY A 470 4.20 -5.73 5.58
C GLY A 470 5.42 -6.64 5.62
N LEU A 471 5.46 -7.56 4.66
CA LEU A 471 6.56 -8.53 4.55
C LEU A 471 7.93 -7.87 4.40
N ASP A 472 7.95 -6.66 3.85
CA ASP A 472 9.20 -5.95 3.57
C ASP A 472 9.98 -5.56 4.82
N ALA A 473 9.30 -5.59 5.96
CA ALA A 473 9.95 -5.35 7.25
C ALA A 473 11.07 -6.36 7.52
N PHE A 474 11.06 -7.48 6.81
CA PHE A 474 12.06 -8.52 7.00
C PHE A 474 13.13 -8.48 5.93
N SER A 475 13.02 -7.54 5.00
CA SER A 475 13.87 -7.56 3.81
C SER A 475 14.50 -6.22 3.47
N MET A 476 14.28 -5.23 4.34
CA MET A 476 14.80 -3.90 4.07
C MET A 476 16.31 -3.79 4.28
N HIS A 477 16.95 -2.99 3.43
CA HIS A 477 18.40 -2.82 3.45
C HIS A 477 18.75 -1.44 2.90
N THR A 478 20.04 -1.11 2.92
CA THR A 478 20.52 0.19 2.42
C THR A 478 19.78 1.32 3.13
N TYR A 479 20.02 1.43 4.43
CA TYR A 479 19.36 2.44 5.24
C TYR A 479 20.05 3.77 5.01
N SER A 480 19.35 4.86 5.32
CA SER A 480 19.85 6.21 5.10
C SER A 480 21.09 6.53 5.94
N HIS A 481 21.95 7.38 5.40
CA HIS A 481 23.19 7.74 6.08
C HIS A 481 22.91 8.45 7.39
N HIS A 482 21.84 9.22 7.44
CA HIS A 482 21.43 9.89 8.68
C HIS A 482 21.09 8.86 9.75
N GLU A 483 20.33 7.84 9.35
CA GLU A 483 19.92 6.77 10.25
C GLU A 483 21.11 5.92 10.71
N LEU A 484 21.95 5.51 9.77
CA LEU A 484 23.13 4.72 10.06
C LEU A 484 24.11 5.38 11.01
N THR A 485 24.33 6.68 10.86
CA THR A 485 25.28 7.37 11.74
C THR A 485 24.72 7.50 13.14
N ARG A 486 23.44 7.87 13.23
CA ARG A 486 22.76 8.04 14.51
C ARG A 486 22.80 6.75 15.34
N VAL A 487 22.51 5.63 14.69
CA VAL A 487 22.56 4.34 15.35
C VAL A 487 23.97 4.00 15.83
N ALA A 488 24.94 4.13 14.96
CA ALA A 488 26.32 3.81 15.30
C ALA A 488 26.82 4.67 16.46
N SER A 489 26.41 5.93 16.45
CA SER A 489 26.79 6.86 17.51
C SER A 489 26.18 6.45 18.83
N ALA A 490 24.92 6.04 18.79
CA ALA A 490 24.21 5.61 19.98
C ALA A 490 24.85 4.36 20.59
N LEU A 491 25.23 3.42 19.72
CA LEU A 491 25.92 2.22 20.17
C LEU A 491 27.26 2.54 20.85
N ARG A 492 28.05 3.39 20.21
CA ARG A 492 29.32 3.82 20.78
C ARG A 492 29.11 4.51 22.12
N LYS A 493 28.18 5.46 22.14
CA LYS A 493 27.83 6.20 23.35
C LYS A 493 27.50 5.29 24.53
N LEU A 494 26.82 4.17 24.26
CA LEU A 494 26.41 3.26 25.32
C LEU A 494 27.40 2.13 25.62
N GLY A 495 28.44 2.00 24.81
CA GLY A 495 29.41 0.94 25.02
C GLY A 495 28.83 -0.38 24.55
N ALA A 496 27.94 -0.29 23.57
CA ALA A 496 27.35 -1.48 22.96
C ALA A 496 28.26 -1.99 21.86
N PRO A 497 28.15 -3.29 21.53
CA PRO A 497 28.91 -3.84 20.40
C PRO A 497 28.48 -3.16 19.11
N PRO A 498 29.40 -3.03 18.14
CA PRO A 498 29.00 -2.44 16.87
C PRO A 498 28.16 -3.43 16.07
N LEU A 499 27.47 -2.95 15.04
CA LEU A 499 26.51 -3.74 14.28
C LEU A 499 27.07 -5.06 13.74
N ARG A 500 28.33 -5.06 13.31
CA ARG A 500 28.97 -6.27 12.79
C ARG A 500 29.01 -7.40 13.81
N VAL A 501 29.21 -7.06 15.09
CA VAL A 501 29.20 -8.06 16.15
C VAL A 501 27.79 -8.65 16.31
N TRP A 502 26.79 -7.79 16.26
CA TRP A 502 25.39 -8.22 16.38
C TRP A 502 25.00 -9.20 15.27
N LYS A 503 25.52 -8.98 14.07
CA LYS A 503 25.27 -9.89 12.95
C LYS A 503 25.76 -11.31 13.21
N SER A 504 26.96 -11.44 13.79
CA SER A 504 27.50 -12.74 14.14
C SER A 504 26.63 -13.40 15.19
N ARG A 505 26.27 -12.61 16.20
CA ARG A 505 25.45 -13.08 17.30
C ARG A 505 24.07 -13.53 16.81
N ALA A 506 23.52 -12.77 15.87
CA ALA A 506 22.20 -13.06 15.31
C ALA A 506 22.18 -14.38 14.52
N ARG A 507 23.30 -14.71 13.89
CA ARG A 507 23.42 -15.95 13.14
C ARG A 507 23.26 -17.16 14.06
N ALA A 508 23.80 -17.04 15.27
CA ALA A 508 23.72 -18.11 16.26
C ALA A 508 22.32 -18.19 16.88
N VAL A 509 21.77 -17.02 17.22
CA VAL A 509 20.41 -16.95 17.77
C VAL A 509 19.43 -17.57 16.80
N ARG A 510 19.56 -17.21 15.52
CA ARG A 510 18.71 -17.74 14.47
C ARG A 510 18.76 -19.27 14.42
N ALA A 511 19.97 -19.82 14.44
CA ALA A 511 20.15 -21.27 14.38
C ALA A 511 19.51 -22.01 15.55
N SER A 512 19.63 -21.44 16.75
CA SER A 512 19.02 -22.03 17.92
C SER A 512 17.50 -22.00 17.82
N LEU A 513 16.97 -20.91 17.30
CA LEU A 513 15.52 -20.76 17.12
C LEU A 513 15.00 -21.81 16.13
N ILE A 514 15.75 -22.01 15.06
CA ILE A 514 15.36 -22.94 14.01
C ILE A 514 15.35 -24.39 14.53
N SER A 515 16.33 -24.72 15.36
CA SER A 515 16.46 -26.09 15.88
C SER A 515 15.32 -26.43 16.84
N ARG A 516 14.59 -25.40 17.29
CA ARG A 516 13.44 -25.63 18.15
C ARG A 516 12.17 -25.98 17.36
N GLY A 517 12.21 -25.80 16.04
CA GLY A 517 11.04 -26.01 15.22
C GLY A 517 9.88 -25.10 15.58
N GLY A 518 8.69 -25.41 15.08
CA GLY A 518 7.49 -24.69 15.42
C GLY A 518 7.57 -23.20 15.16
N LYS A 519 6.84 -22.43 15.95
CA LYS A 519 6.79 -20.98 15.81
C LYS A 519 8.17 -20.36 15.97
N ALA A 520 9.01 -21.00 16.78
CA ALA A 520 10.35 -20.50 17.06
C ALA A 520 11.22 -20.53 15.80
N ALA A 521 11.06 -21.58 15.00
CA ALA A 521 11.79 -21.69 13.74
C ALA A 521 11.32 -20.62 12.77
N VAL A 522 10.04 -20.29 12.84
CA VAL A 522 9.48 -19.22 12.02
C VAL A 522 10.11 -17.89 12.40
N CYS A 523 10.15 -17.59 13.70
CA CYS A 523 10.85 -16.41 14.20
C CYS A 523 12.30 -16.35 13.69
N GLY A 524 12.99 -17.48 13.78
CA GLY A 524 14.37 -17.58 13.32
C GLY A 524 14.50 -17.28 11.85
N ARG A 525 13.68 -17.95 11.04
CA ARG A 525 13.75 -17.79 9.59
CA ARG A 525 13.71 -17.80 9.60
C ARG A 525 13.31 -16.39 9.14
N TYR A 526 12.29 -15.83 9.78
CA TYR A 526 11.77 -14.53 9.36
C TYR A 526 12.49 -13.31 9.95
N LEU A 527 12.63 -13.27 11.27
CA LEU A 527 13.21 -12.10 11.93
C LEU A 527 14.70 -11.93 11.69
N PHE A 528 15.36 -13.01 11.26
CA PHE A 528 16.82 -12.99 11.18
C PHE A 528 17.37 -13.37 9.81
N ASN A 529 16.53 -13.26 8.78
CA ASN A 529 16.97 -13.51 7.42
C ASN A 529 18.11 -12.58 7.01
N TRP A 530 18.14 -11.39 7.61
CA TRP A 530 19.15 -10.39 7.28
C TRP A 530 20.56 -10.86 7.67
N ALA A 531 20.63 -11.86 8.52
CA ALA A 531 21.90 -12.23 9.14
C ALA A 531 22.68 -13.30 8.40
N VAL A 532 22.01 -14.04 7.51
CA VAL A 532 22.66 -15.14 6.81
C VAL A 532 23.15 -14.73 5.43
N LYS A 533 24.18 -15.43 4.95
CA LYS A 533 24.79 -15.12 3.67
C LYS A 533 23.81 -15.43 2.53
N THR A 534 23.24 -16.64 2.58
CA THR A 534 22.24 -17.03 1.59
C THR A 534 20.84 -16.87 2.16
N LYS A 535 20.16 -15.81 1.76
CA LYS A 535 18.86 -15.48 2.33
C LYS A 535 17.79 -16.45 1.85
N LEU A 536 16.84 -16.76 2.72
CA LEU A 536 15.67 -17.52 2.31
C LEU A 536 14.72 -16.61 1.56
N LYS A 537 13.87 -17.21 0.74
CA LYS A 537 12.84 -16.45 0.05
C LYS A 537 11.56 -16.50 0.87
N LEU A 538 11.24 -15.37 1.48
CA LEU A 538 10.16 -15.30 2.48
C LEU A 538 8.79 -15.14 1.87
N THR A 539 7.85 -15.95 2.34
CA THR A 539 6.49 -15.92 1.85
C THR A 539 5.56 -15.36 2.92
N PRO A 540 4.48 -14.69 2.49
CA PRO A 540 3.50 -14.11 3.43
C PRO A 540 2.94 -15.15 4.38
N LEU A 541 2.76 -14.77 5.65
CA LEU A 541 2.25 -15.71 6.64
C LEU A 541 0.73 -15.64 6.70
N PRO A 542 0.06 -16.77 6.46
CA PRO A 542 -1.41 -16.87 6.51
C PRO A 542 -1.98 -16.41 7.86
N GLU A 543 -1.25 -16.69 8.93
CA GLU A 543 -1.62 -16.29 10.29
C GLU A 543 -1.78 -14.78 10.46
N ALA A 544 -0.95 -14.01 9.78
CA ALA A 544 -0.99 -12.55 9.84
C ALA A 544 -2.34 -12.02 9.34
N ARG A 545 -2.88 -12.69 8.32
CA ARG A 545 -4.13 -12.28 7.69
C ARG A 545 -5.32 -12.49 8.62
N LEU A 546 -5.21 -13.48 9.51
CA LEU A 546 -6.31 -13.87 10.40
C LEU A 546 -6.27 -13.10 11.71
N LEU A 547 -5.54 -11.98 11.70
CA LEU A 547 -5.13 -11.29 12.89
C LEU A 547 -5.71 -9.90 12.70
N ASP A 548 -6.47 -9.39 13.67
CA ASP A 548 -7.14 -8.12 13.45
C ASP A 548 -6.61 -7.02 14.36
N LEU A 549 -5.72 -6.21 13.81
CA LEU A 549 -5.10 -5.14 14.54
C LEU A 549 -5.54 -3.78 14.00
N SER A 550 -6.58 -3.79 13.16
CA SER A 550 -7.01 -2.56 12.47
C SER A 550 -7.48 -1.43 13.40
N SER A 551 -7.75 -1.76 14.65
CA SER A 551 -8.19 -0.81 15.65
C SER A 551 -7.29 -0.90 16.88
N TRP A 552 -6.23 -1.70 16.77
N TRP A 552 -6.22 -1.67 16.75
CA TRP A 552 -5.27 -1.90 17.85
CA TRP A 552 -5.31 -1.97 17.85
C TRP A 552 -4.69 -0.59 18.38
C TRP A 552 -4.75 -0.72 18.53
N PHE A 553 -4.62 0.42 17.52
N PHE A 553 -4.61 0.36 17.77
CA PHE A 553 -4.04 1.70 17.89
CA PHE A 553 -4.04 1.59 18.30
C PHE A 553 -5.09 2.75 18.24
C PHE A 553 -5.13 2.56 18.75
N THR A 554 -5.26 3.01 19.53
N THR A 554 -6.26 2.57 18.05
CA THR A 554 -6.05 4.15 19.98
CA THR A 554 -7.38 3.41 18.42
C THR A 554 -5.37 4.94 21.11
C THR A 554 -7.93 3.02 19.79
N VAL A 555 -6.16 5.69 21.86
N VAL A 555 -8.03 1.71 20.04
CA VAL A 555 -5.64 6.74 22.74
CA VAL A 555 -8.57 1.22 21.30
C VAL A 555 -5.17 6.22 24.10
C VAL A 555 -7.71 1.60 22.50
N GLY A 556 -5.90 5.28 24.69
N GLY A 556 -6.44 1.87 22.25
CA GLY A 556 -5.69 4.88 26.07
CA GLY A 556 -5.53 2.31 23.30
C GLY A 556 -5.86 6.00 27.07
C GLY A 556 -5.92 3.66 23.87
N ALA A 557 -5.02 6.00 28.11
N ALA A 557 -6.80 4.36 23.16
CA ALA A 557 -5.26 6.83 29.29
CA ALA A 557 -7.37 5.63 23.60
C ALA A 557 -3.99 7.49 29.84
C ALA A 557 -6.32 6.71 23.85
N GLY A 558 -4.19 8.57 30.59
N GLY A 558 -5.18 6.58 23.18
CA GLY A 558 -3.14 9.06 31.47
CA GLY A 558 -4.13 7.57 23.31
C GLY A 558 -2.77 7.96 32.45
C GLY A 558 -3.23 7.38 24.51
N GLY A 559 -1.47 7.73 32.62
N GLY A 559 -3.63 6.52 25.43
CA GLY A 559 -1.01 6.63 33.45
CA GLY A 559 -2.83 6.24 26.60
C GLY A 559 -1.17 5.33 32.69
C GLY A 559 -3.59 6.01 27.89
N GLY A 560 -1.74 5.43 31.49
N GLY A 560 -2.95 5.30 28.82
CA GLY A 560 -2.05 4.29 30.65
CA GLY A 560 -3.47 5.14 30.17
C GLY A 560 -2.92 3.19 31.20
C GLY A 560 -3.84 3.72 30.57
N ASP A 561 -4.00 3.53 31.88
CA ASP A 561 -4.78 2.44 32.50
C ASP A 561 -5.79 1.72 31.60
N ILE A 562 -5.34 1.28 30.42
CA ILE A 562 -6.20 0.58 29.45
C ILE A 562 -5.46 -0.67 28.99
N PHE A 563 -6.18 -1.79 28.84
CA PHE A 563 -5.53 -3.05 28.47
C PHE A 563 -6.19 -3.77 27.30
N HIS A 564 -5.37 -4.35 26.42
CA HIS A 564 -5.86 -5.14 25.29
C HIS A 564 -4.96 -6.32 24.94
N SER A 565 -5.58 -7.39 24.47
CA SER A 565 -4.85 -8.61 24.11
C SER A 565 -4.89 -8.81 22.59
N SER B 3 4.14 -32.17 -37.06
CA SER B 3 3.00 -32.32 -36.15
C SER B 3 1.92 -31.27 -36.41
N MET B 4 0.67 -31.72 -36.41
CA MET B 4 -0.46 -30.81 -36.54
C MET B 4 -0.69 -30.07 -35.23
N SER B 5 -0.90 -28.75 -35.33
CA SER B 5 -1.20 -27.94 -34.16
C SER B 5 -2.42 -28.47 -33.39
N TYR B 6 -3.42 -28.94 -34.13
CA TYR B 6 -4.62 -29.50 -33.52
C TYR B 6 -5.15 -30.69 -34.29
N SER B 7 -5.80 -31.59 -33.56
CA SER B 7 -6.66 -32.60 -34.15
C SER B 7 -8.09 -32.30 -33.70
N TRP B 8 -9.07 -32.72 -34.48
CA TRP B 8 -10.47 -32.46 -34.14
C TRP B 8 -11.34 -33.71 -34.23
N THR B 9 -12.29 -33.82 -33.30
CA THR B 9 -13.21 -34.96 -33.27
C THR B 9 -14.42 -34.71 -34.15
N GLY B 10 -14.71 -33.44 -34.42
CA GLY B 10 -15.86 -33.08 -35.23
C GLY B 10 -16.93 -32.41 -34.38
N ALA B 11 -16.85 -32.62 -33.07
CA ALA B 11 -17.76 -31.95 -32.13
C ALA B 11 -17.62 -30.43 -32.23
N LEU B 12 -18.75 -29.74 -32.16
CA LEU B 12 -18.75 -28.29 -32.29
C LEU B 12 -18.13 -27.58 -31.09
N ILE B 13 -17.61 -26.38 -31.33
CA ILE B 13 -17.23 -25.49 -30.25
C ILE B 13 -18.47 -24.72 -29.83
N THR B 14 -18.84 -24.83 -28.56
CA THR B 14 -20.16 -24.39 -28.14
C THR B 14 -20.09 -23.27 -27.12
N PRO B 15 -21.09 -22.37 -27.13
CA PRO B 15 -21.16 -21.28 -26.17
C PRO B 15 -21.72 -21.80 -24.85
N CYS B 16 -21.45 -21.10 -23.76
CA CYS B 16 -22.03 -21.46 -22.47
C CYS B 16 -23.13 -20.49 -22.07
N SER B 17 -23.48 -19.60 -23.00
CA SER B 17 -24.48 -18.57 -22.76
C SER B 17 -25.02 -18.11 -24.11
N PRO B 18 -26.17 -17.42 -24.11
CA PRO B 18 -26.63 -16.93 -25.42
C PRO B 18 -25.68 -15.84 -25.92
N GLU B 19 -25.50 -15.76 -27.23
CA GLU B 19 -24.56 -14.82 -27.81
C GLU B 19 -25.25 -13.82 -28.72
N GLU B 20 -24.90 -12.56 -28.56
CA GLU B 20 -25.39 -11.50 -29.44
C GLU B 20 -24.28 -11.13 -30.41
N GLU B 21 -24.64 -11.01 -31.69
CA GLU B 21 -23.67 -10.66 -32.73
C GLU B 21 -23.86 -9.24 -33.24
N LYS B 22 -24.83 -8.54 -32.68
CA LYS B 22 -25.30 -7.29 -33.25
C LYS B 22 -25.46 -6.24 -32.16
N LEU B 23 -24.92 -5.05 -32.43
CA LEU B 23 -25.00 -3.96 -31.47
C LEU B 23 -26.46 -3.59 -31.28
N PRO B 24 -26.91 -3.58 -30.01
CA PRO B 24 -28.30 -3.19 -29.72
C PRO B 24 -28.54 -1.71 -29.97
N ILE B 25 -29.69 -1.39 -30.56
CA ILE B 25 -30.07 0.00 -30.79
C ILE B 25 -30.51 0.65 -29.50
N ASN B 26 -29.91 1.80 -29.18
CA ASN B 26 -30.12 2.44 -27.89
C ASN B 26 -29.62 3.88 -27.92
N PRO B 27 -30.41 4.82 -27.37
CA PRO B 27 -30.07 6.25 -27.45
C PRO B 27 -28.72 6.60 -26.83
N LEU B 28 -28.35 5.93 -25.73
CA LEU B 28 -27.03 6.15 -25.11
C LEU B 28 -25.88 5.83 -26.06
N SER B 29 -25.94 4.69 -26.73
CA SER B 29 -24.86 4.29 -27.63
C SER B 29 -24.98 5.06 -28.93
N ASN B 30 -26.22 5.36 -29.30
CA ASN B 30 -26.48 6.12 -30.51
C ASN B 30 -25.85 7.50 -30.43
N SER B 31 -25.73 8.03 -29.21
CA SER B 31 -25.02 9.28 -28.98
C SER B 31 -23.54 9.20 -29.36
N LEU B 32 -22.94 8.02 -29.20
CA LEU B 32 -21.53 7.84 -29.51
C LEU B 32 -21.34 7.60 -31.00
N LEU B 33 -22.12 6.66 -31.55
CA LEU B 33 -22.12 6.42 -32.98
C LEU B 33 -23.46 5.85 -33.43
N ARG B 34 -23.85 6.15 -34.65
CA ARG B 34 -25.19 5.81 -35.14
C ARG B 34 -25.22 4.56 -36.02
N TYR B 35 -24.12 4.28 -36.70
CA TYR B 35 -24.10 3.20 -37.68
C TYR B 35 -23.87 1.85 -37.00
N HIS B 36 -24.86 1.44 -36.20
CA HIS B 36 -24.75 0.26 -35.36
C HIS B 36 -24.62 -1.03 -36.16
N ASN B 37 -25.14 -1.02 -37.38
CA ASN B 37 -25.04 -2.19 -38.25
C ASN B 37 -23.62 -2.49 -38.73
N LYS B 38 -22.69 -1.58 -38.47
CA LYS B 38 -21.30 -1.78 -38.85
C LYS B 38 -20.52 -2.40 -37.69
N VAL B 39 -21.15 -2.45 -36.53
CA VAL B 39 -20.50 -2.95 -35.32
C VAL B 39 -21.01 -4.35 -34.99
N TYR B 40 -20.11 -5.32 -34.94
CA TYR B 40 -20.51 -6.69 -34.65
C TYR B 40 -19.68 -7.32 -33.52
N CYS B 41 -20.25 -8.37 -32.93
CA CYS B 41 -19.54 -9.19 -31.96
C CYS B 41 -19.31 -10.57 -32.56
N THR B 42 -18.09 -11.07 -32.47
CA THR B 42 -17.79 -12.44 -32.86
C THR B 42 -18.52 -13.42 -31.95
N THR B 43 -18.97 -14.54 -32.51
CA THR B 43 -19.65 -15.57 -31.73
C THR B 43 -19.15 -16.96 -32.09
N SER B 44 -19.64 -17.96 -31.37
CA SER B 44 -19.29 -19.35 -31.62
C SER B 44 -19.73 -19.82 -33.01
N LYS B 45 -20.64 -19.08 -33.64
CA LYS B 45 -21.09 -19.40 -34.98
C LYS B 45 -19.95 -19.47 -36.00
N SER B 46 -18.84 -18.79 -35.71
CA SER B 46 -17.72 -18.75 -36.65
C SER B 46 -16.49 -19.50 -36.14
N ALA B 47 -16.68 -20.29 -35.09
CA ALA B 47 -15.58 -21.01 -34.45
C ALA B 47 -14.87 -21.96 -35.42
N SER B 48 -15.64 -22.70 -36.19
CA SER B 48 -15.09 -23.65 -37.17
C SER B 48 -14.21 -22.97 -38.21
N GLN B 49 -14.60 -21.79 -38.67
CA GLN B 49 -13.78 -21.02 -39.59
C GLN B 49 -12.41 -20.75 -39.00
N ARG B 50 -12.40 -20.34 -37.73
CA ARG B 50 -11.15 -20.09 -37.02
C ARG B 50 -10.39 -21.38 -36.79
N ALA B 51 -11.12 -22.47 -36.51
CA ALA B 51 -10.49 -23.76 -36.24
C ALA B 51 -9.65 -24.22 -37.43
N LYS B 52 -10.18 -24.03 -38.63
CA LYS B 52 -9.47 -24.40 -39.85
C LYS B 52 -8.20 -23.56 -40.03
N LYS B 53 -8.30 -22.27 -39.75
CA LYS B 53 -7.17 -21.35 -39.87
C LYS B 53 -6.00 -21.73 -38.96
N VAL B 54 -6.29 -22.06 -37.71
CA VAL B 54 -5.26 -22.26 -36.70
C VAL B 54 -4.72 -23.69 -36.72
N THR B 55 -5.25 -24.51 -37.61
CA THR B 55 -4.85 -25.90 -37.71
C THR B 55 -3.97 -26.11 -38.93
N PHE B 56 -2.70 -26.43 -38.69
CA PHE B 56 -1.76 -26.71 -39.78
C PHE B 56 -0.55 -27.49 -39.27
N ASP B 57 0.25 -27.98 -40.21
CA ASP B 57 1.44 -28.74 -39.87
C ASP B 57 2.59 -27.81 -39.53
N ARG B 58 3.38 -28.18 -38.53
CA ARG B 58 4.59 -27.42 -38.21
C ARG B 58 5.84 -28.26 -38.45
N THR B 59 6.80 -27.67 -39.17
CA THR B 59 8.13 -28.23 -39.24
C THR B 59 9.12 -27.22 -38.70
N GLN B 60 10.19 -27.71 -38.09
CA GLN B 60 11.17 -26.82 -37.48
C GLN B 60 12.58 -27.34 -37.75
N VAL B 61 13.40 -26.49 -38.36
CA VAL B 61 14.80 -26.81 -38.61
C VAL B 61 15.64 -25.76 -37.91
N LEU B 62 16.41 -26.17 -36.91
CA LEU B 62 17.22 -25.24 -36.15
C LEU B 62 18.65 -25.19 -36.69
N ASP B 63 19.44 -24.24 -36.20
CA ASP B 63 20.80 -24.05 -36.69
C ASP B 63 21.70 -23.41 -35.64
N ALA B 64 22.93 -23.10 -36.04
CA ALA B 64 23.92 -22.56 -35.13
C ALA B 64 23.50 -21.24 -34.50
N HIS B 65 22.80 -20.41 -35.27
CA HIS B 65 22.37 -19.09 -34.80
C HIS B 65 21.37 -19.23 -33.66
N TYR B 66 20.40 -20.11 -33.84
CA TYR B 66 19.42 -20.42 -32.81
C TYR B 66 20.11 -21.02 -31.59
N ASP B 67 20.90 -22.07 -31.80
CA ASP B 67 21.63 -22.75 -30.73
C ASP B 67 22.39 -21.76 -29.85
N SER B 68 23.06 -20.80 -30.50
CA SER B 68 23.90 -19.86 -29.79
C SER B 68 23.09 -18.89 -28.94
N VAL B 69 21.99 -18.40 -29.50
CA VAL B 69 21.09 -17.51 -28.76
C VAL B 69 20.53 -18.21 -27.54
N LEU B 70 20.02 -19.42 -27.76
CA LEU B 70 19.44 -20.23 -26.68
C LEU B 70 20.41 -20.38 -25.51
N LYS B 71 21.66 -20.66 -25.83
CA LYS B 71 22.72 -20.82 -24.84
C LYS B 71 22.88 -19.55 -23.99
N ASP B 72 22.95 -18.40 -24.64
CA ASP B 72 23.12 -17.12 -23.95
C ASP B 72 21.96 -16.88 -23.01
N ILE B 73 20.77 -17.21 -23.49
CA ILE B 73 19.54 -17.01 -22.73
C ILE B 73 19.48 -17.86 -21.47
N LYS B 74 19.85 -19.14 -21.60
CA LYS B 74 19.89 -20.04 -20.44
C LYS B 74 20.90 -19.55 -19.41
N LEU B 75 22.05 -19.07 -19.89
CA LEU B 75 23.04 -18.51 -18.98
C LEU B 75 22.48 -17.28 -18.25
N ALA B 76 21.77 -16.43 -19.00
CA ALA B 76 21.14 -15.24 -18.42
C ALA B 76 20.07 -15.62 -17.41
N ALA B 77 19.31 -16.66 -17.71
CA ALA B 77 18.24 -17.09 -16.82
C ALA B 77 18.77 -17.59 -15.48
N SER B 78 20.00 -18.12 -15.50
CA SER B 78 20.59 -18.71 -14.30
C SER B 78 20.91 -17.68 -13.22
N LYS B 79 20.76 -16.41 -13.57
CA LYS B 79 21.02 -15.32 -12.64
C LYS B 79 19.75 -14.96 -11.88
N VAL B 80 18.65 -15.62 -12.22
CA VAL B 80 17.36 -15.35 -11.58
C VAL B 80 17.16 -16.25 -10.37
N SER B 81 16.73 -15.67 -9.25
CA SER B 81 16.29 -16.45 -8.11
C SER B 81 14.80 -16.17 -7.91
N ALA B 82 13.99 -17.22 -7.96
CA ALA B 82 12.53 -17.05 -7.84
C ALA B 82 11.89 -17.96 -6.80
N ARG B 83 10.72 -17.55 -6.32
CA ARG B 83 10.03 -18.30 -5.27
C ARG B 83 8.62 -18.74 -5.65
N LEU B 84 8.12 -19.74 -4.92
CA LEU B 84 6.71 -20.12 -5.01
C LEU B 84 5.85 -19.01 -4.43
N LEU B 85 4.66 -18.83 -4.98
CA LEU B 85 3.66 -18.00 -4.33
C LEU B 85 2.85 -18.89 -3.39
N THR B 86 2.40 -18.33 -2.27
CA THR B 86 1.47 -19.03 -1.40
C THR B 86 0.10 -19.12 -2.06
N LEU B 87 -0.71 -20.07 -1.59
CA LEU B 87 -2.07 -20.23 -2.07
C LEU B 87 -2.84 -18.92 -1.96
N GLU B 88 -2.65 -18.22 -0.85
CA GLU B 88 -3.38 -16.99 -0.58
C GLU B 88 -2.99 -15.90 -1.58
N GLU B 89 -1.70 -15.83 -1.92
CA GLU B 89 -1.23 -14.89 -2.92
C GLU B 89 -1.84 -15.15 -4.29
N ALA B 90 -1.81 -16.42 -4.71
CA ALA B 90 -2.35 -16.80 -6.00
C ALA B 90 -3.83 -16.48 -6.10
N CYS B 91 -4.58 -16.77 -5.04
CA CYS B 91 -5.99 -16.41 -4.97
C CYS B 91 -6.23 -14.91 -5.16
N GLN B 92 -5.44 -14.09 -4.48
CA GLN B 92 -5.62 -12.63 -4.56
C GLN B 92 -5.32 -12.08 -5.94
N LEU B 93 -4.56 -12.82 -6.73
CA LEU B 93 -4.26 -12.43 -8.10
C LEU B 93 -5.32 -12.92 -9.08
N THR B 94 -6.29 -13.68 -8.60
CA THR B 94 -7.38 -14.15 -9.44
C THR B 94 -8.40 -13.04 -9.68
N PRO B 95 -8.68 -12.72 -10.95
CA PRO B 95 -9.66 -11.69 -11.28
C PRO B 95 -11.06 -12.08 -10.79
N PRO B 96 -11.82 -11.11 -10.24
CA PRO B 96 -13.16 -11.32 -9.68
C PRO B 96 -14.12 -12.07 -10.61
N HIS B 97 -13.91 -12.00 -11.92
CA HIS B 97 -14.82 -12.67 -12.85
C HIS B 97 -14.20 -13.77 -13.69
N SER B 98 -13.08 -14.31 -13.22
CA SER B 98 -12.44 -15.46 -13.83
C SER B 98 -13.46 -16.61 -13.95
N ALA B 99 -13.36 -17.39 -15.02
CA ALA B 99 -14.30 -18.49 -15.26
C ALA B 99 -14.33 -19.48 -14.08
N ARG B 100 -15.53 -19.83 -13.63
CA ARG B 100 -15.67 -20.68 -12.45
C ARG B 100 -15.18 -22.11 -12.68
N SER B 101 -14.84 -22.78 -11.58
CA SER B 101 -14.39 -24.16 -11.63
C SER B 101 -15.57 -25.06 -11.92
N LYS B 102 -15.28 -26.23 -12.48
CA LYS B 102 -16.30 -27.24 -12.73
C LYS B 102 -16.66 -27.90 -11.40
N TYR B 103 -15.88 -27.58 -10.37
CA TYR B 103 -15.94 -28.27 -9.09
C TYR B 103 -16.62 -27.46 -7.97
N GLY B 104 -17.70 -26.76 -8.31
CA GLY B 104 -18.55 -26.15 -7.30
C GLY B 104 -18.02 -24.92 -6.60
N PHE B 105 -17.29 -24.08 -7.32
CA PHE B 105 -16.86 -22.79 -6.79
C PHE B 105 -16.38 -21.90 -7.92
N GLY B 106 -16.22 -20.61 -7.63
CA GLY B 106 -15.90 -19.63 -8.65
C GLY B 106 -14.88 -18.64 -8.12
N ALA B 107 -14.65 -17.58 -8.89
CA ALA B 107 -13.63 -16.60 -8.56
C ALA B 107 -13.89 -15.97 -7.20
N LYS B 108 -15.17 -15.70 -6.91
CA LYS B 108 -15.57 -15.09 -5.65
C LYS B 108 -15.13 -15.93 -4.45
N GLU B 109 -15.34 -17.24 -4.55
CA GLU B 109 -14.97 -18.17 -3.50
C GLU B 109 -13.45 -18.27 -3.37
N VAL B 110 -12.77 -18.17 -4.52
CA VAL B 110 -11.32 -18.19 -4.56
C VAL B 110 -10.74 -16.95 -3.88
N ARG B 111 -11.28 -15.79 -4.20
CA ARG B 111 -10.79 -14.53 -3.65
C ARG B 111 -11.06 -14.39 -2.16
N SER B 112 -12.13 -15.02 -1.69
CA SER B 112 -12.50 -14.95 -0.27
C SER B 112 -12.01 -16.17 0.49
N LEU B 113 -11.28 -17.04 -0.20
CA LEU B 113 -10.64 -18.21 0.41
C LEU B 113 -11.62 -19.14 1.10
N SER B 114 -12.74 -19.44 0.43
CA SER B 114 -13.71 -20.40 0.94
C SER B 114 -13.08 -21.79 1.04
N GLY B 115 -13.54 -22.58 2.01
CA GLY B 115 -13.05 -23.92 2.22
C GLY B 115 -13.08 -24.80 0.99
N ARG B 116 -14.17 -24.70 0.22
CA ARG B 116 -14.32 -25.45 -1.01
C ARG B 116 -13.22 -25.09 -2.01
N ALA B 117 -12.97 -23.79 -2.18
CA ALA B 117 -11.95 -23.33 -3.11
C ALA B 117 -10.55 -23.78 -2.65
N VAL B 118 -10.19 -23.41 -1.42
CA VAL B 118 -8.88 -23.73 -0.87
C VAL B 118 -8.55 -25.22 -0.85
N ASN B 119 -9.48 -26.03 -0.34
CA ASN B 119 -9.25 -27.47 -0.23
C ASN B 119 -9.09 -28.14 -1.59
N HIS B 120 -9.83 -27.63 -2.57
CA HIS B 120 -9.72 -28.15 -3.92
C HIS B 120 -8.36 -27.82 -4.50
N ILE B 121 -7.92 -26.57 -4.32
CA ILE B 121 -6.65 -26.10 -4.88
C ILE B 121 -5.47 -26.86 -4.27
N LYS B 122 -5.53 -27.11 -2.97
CA LYS B 122 -4.49 -27.89 -2.29
C LYS B 122 -4.40 -29.28 -2.89
N SER B 123 -5.56 -29.85 -3.18
CA SER B 123 -5.65 -31.16 -3.81
C SER B 123 -5.05 -31.18 -5.21
N VAL B 124 -5.31 -30.14 -5.99
CA VAL B 124 -4.78 -30.04 -7.34
C VAL B 124 -3.26 -29.92 -7.32
N TRP B 125 -2.76 -29.09 -6.41
CA TRP B 125 -1.33 -28.87 -6.24
C TRP B 125 -0.61 -30.17 -5.89
N LYS B 126 -1.21 -30.94 -4.98
CA LYS B 126 -0.63 -32.20 -4.55
C LYS B 126 -0.60 -33.19 -5.71
N ASP B 127 -1.66 -33.20 -6.50
CA ASP B 127 -1.69 -34.04 -7.69
C ASP B 127 -0.60 -33.63 -8.70
N LEU B 128 -0.34 -32.34 -8.82
CA LEU B 128 0.75 -31.86 -9.65
C LEU B 128 2.09 -32.41 -9.19
N LEU B 129 2.32 -32.37 -7.88
CA LEU B 129 3.59 -32.82 -7.30
C LEU B 129 3.82 -34.31 -7.43
N GLU B 130 2.74 -35.09 -7.47
CA GLU B 130 2.87 -36.55 -7.52
C GLU B 130 2.91 -37.08 -8.94
N ASP B 131 2.23 -36.39 -9.84
CA ASP B 131 2.00 -36.92 -11.17
C ASP B 131 2.46 -35.92 -12.23
N PRO B 132 3.50 -36.27 -12.99
CA PRO B 132 4.01 -35.41 -14.06
C PRO B 132 3.55 -35.90 -15.43
N GLN B 133 2.58 -36.81 -15.46
CA GLN B 133 2.24 -37.51 -16.70
C GLN B 133 0.82 -37.31 -17.23
N THR B 134 -0.19 -37.40 -16.36
CA THR B 134 -1.57 -37.39 -16.82
C THR B 134 -1.98 -36.03 -17.39
N PRO B 135 -2.37 -36.00 -18.66
CA PRO B 135 -2.79 -34.77 -19.34
C PRO B 135 -3.91 -34.06 -18.60
N ILE B 136 -3.79 -32.74 -18.49
CA ILE B 136 -4.82 -31.95 -17.86
C ILE B 136 -5.80 -31.49 -18.92
N PRO B 137 -7.10 -31.74 -18.68
CA PRO B 137 -8.14 -31.36 -19.66
C PRO B 137 -8.25 -29.85 -19.78
N THR B 138 -8.65 -29.37 -20.95
CA THR B 138 -8.87 -27.95 -21.16
C THR B 138 -10.22 -27.73 -21.81
N THR B 139 -10.76 -26.54 -21.65
CA THR B 139 -11.94 -26.13 -22.38
C THR B 139 -11.53 -25.24 -23.54
N ILE B 140 -12.18 -25.43 -24.69
CA ILE B 140 -11.99 -24.50 -25.81
C ILE B 140 -13.27 -23.69 -26.00
N MET B 141 -13.13 -22.36 -26.01
CA MET B 141 -14.26 -21.46 -26.18
C MET B 141 -14.01 -20.44 -27.29
N ALA B 142 -15.07 -20.09 -28.00
CA ALA B 142 -15.02 -18.97 -28.93
C ALA B 142 -15.13 -17.65 -28.17
N LYS B 143 -14.20 -16.74 -28.43
CA LYS B 143 -14.23 -15.42 -27.82
C LYS B 143 -15.34 -14.54 -28.39
N ASN B 144 -15.90 -13.70 -27.54
CA ASN B 144 -16.84 -12.69 -27.97
C ASN B 144 -16.18 -11.31 -27.92
N GLU B 145 -15.76 -10.83 -29.08
CA GLU B 145 -15.08 -9.55 -29.17
C GLU B 145 -15.74 -8.68 -30.23
N VAL B 146 -15.70 -7.38 -30.00
CA VAL B 146 -16.43 -6.46 -30.85
C VAL B 146 -15.50 -5.77 -31.85
N PHE B 147 -15.96 -5.69 -33.10
CA PHE B 147 -15.20 -5.03 -34.15
C PHE B 147 -16.14 -4.22 -35.04
N CYS B 148 -15.57 -3.35 -35.85
CA CYS B 148 -16.31 -2.71 -36.93
C CYS B 148 -16.03 -3.47 -38.23
N VAL B 149 -17.05 -3.59 -39.07
CA VAL B 149 -16.90 -4.30 -40.33
C VAL B 149 -15.89 -3.60 -41.23
N ASP B 150 -15.32 -4.34 -42.17
CA ASP B 150 -14.34 -3.78 -43.09
C ASP B 150 -14.40 -4.54 -44.41
N PRO B 151 -15.42 -4.25 -45.23
CA PRO B 151 -15.66 -4.91 -46.53
C PRO B 151 -14.41 -5.01 -47.40
N ALA B 152 -13.61 -3.94 -47.42
CA ALA B 152 -12.34 -3.92 -48.13
C ALA B 152 -11.41 -5.08 -47.75
N LYS B 153 -11.74 -5.77 -46.66
CA LYS B 153 -10.98 -6.92 -46.22
C LYS B 153 -11.97 -7.97 -45.68
N GLY B 154 -13.17 -7.97 -46.24
CA GLY B 154 -13.92 -9.19 -46.40
C GLY B 154 -14.91 -9.47 -45.29
N GLY B 155 -15.74 -8.48 -44.95
CA GLY B 155 -16.83 -8.74 -44.02
C GLY B 155 -16.43 -8.77 -42.56
N LYS B 156 -16.54 -9.95 -41.95
CA LYS B 156 -16.40 -10.12 -40.51
C LYS B 156 -15.29 -11.10 -40.12
N LYS B 157 -14.49 -10.73 -39.12
CA LYS B 157 -13.51 -11.65 -38.57
C LYS B 157 -14.25 -12.78 -37.87
N PRO B 158 -13.73 -14.02 -38.01
CA PRO B 158 -14.32 -15.07 -37.18
C PRO B 158 -13.78 -14.97 -35.76
N ALA B 159 -14.48 -15.56 -34.80
CA ALA B 159 -14.11 -15.47 -33.38
C ALA B 159 -12.72 -16.04 -33.14
N ARG B 160 -11.97 -15.42 -32.23
CA ARG B 160 -10.73 -16.03 -31.77
C ARG B 160 -11.09 -17.16 -30.81
N LEU B 161 -10.20 -18.14 -30.71
CA LEU B 161 -10.45 -19.27 -29.82
C LEU B 161 -9.58 -19.16 -28.58
N ILE B 162 -10.14 -19.55 -27.45
CA ILE B 162 -9.41 -19.56 -26.19
C ILE B 162 -9.42 -20.98 -25.61
N VAL B 163 -8.24 -21.47 -25.24
CA VAL B 163 -8.11 -22.81 -24.68
C VAL B 163 -7.48 -22.70 -23.30
N TYR B 164 -8.18 -23.21 -22.29
CA TYR B 164 -7.77 -23.01 -20.91
C TYR B 164 -8.21 -24.14 -19.99
N PRO B 165 -7.48 -24.35 -18.90
CA PRO B 165 -7.80 -25.40 -17.93
C PRO B 165 -8.66 -24.86 -16.79
N ASP B 166 -9.16 -25.76 -15.95
CA ASP B 166 -9.98 -25.39 -14.81
C ASP B 166 -9.34 -24.36 -13.88
N LEU B 167 -10.19 -23.54 -13.28
CA LEU B 167 -9.82 -22.48 -12.34
C LEU B 167 -8.82 -22.93 -11.27
N GLY B 168 -9.04 -24.12 -10.71
CA GLY B 168 -8.16 -24.67 -9.70
C GLY B 168 -6.73 -24.80 -10.19
N VAL B 169 -6.59 -25.23 -11.45
CA VAL B 169 -5.28 -25.36 -12.08
C VAL B 169 -4.67 -23.98 -12.34
N ARG B 170 -5.51 -23.01 -12.69
CA ARG B 170 -5.05 -21.66 -13.00
C ARG B 170 -4.44 -21.00 -11.77
N VAL B 171 -5.03 -21.25 -10.61
CA VAL B 171 -4.49 -20.75 -9.36
C VAL B 171 -3.12 -21.37 -9.08
N CYS B 172 -3.02 -22.68 -9.31
CA CYS B 172 -1.75 -23.39 -9.18
C CYS B 172 -0.62 -22.87 -10.08
N GLU B 173 -0.95 -22.48 -11.31
CA GLU B 173 0.05 -21.91 -12.22
C GLU B 173 0.74 -20.70 -11.59
N LYS B 174 -0.04 -19.87 -10.90
CA LYS B 174 0.49 -18.66 -10.30
C LYS B 174 1.43 -19.02 -9.16
N MET B 175 1.07 -20.04 -8.39
CA MET B 175 1.90 -20.49 -7.30
C MET B 175 3.27 -20.92 -7.83
N ALA B 176 3.23 -21.70 -8.91
CA ALA B 176 4.44 -22.22 -9.54
C ALA B 176 5.25 -21.19 -10.31
N LEU B 177 4.58 -20.30 -11.04
CA LEU B 177 5.26 -19.53 -12.08
C LEU B 177 5.14 -18.01 -12.07
N TYR B 178 4.30 -17.45 -11.20
CA TYR B 178 4.07 -16.00 -11.23
C TYR B 178 5.33 -15.20 -10.92
N ASP B 179 6.09 -15.62 -9.92
CA ASP B 179 7.29 -14.90 -9.54
C ASP B 179 8.29 -14.91 -10.69
N ILE B 180 8.35 -16.03 -11.39
CA ILE B 180 9.15 -16.16 -12.60
C ILE B 180 8.73 -15.14 -13.66
N THR B 181 7.43 -14.95 -13.85
CA THR B 181 6.96 -13.98 -14.84
C THR B 181 7.42 -12.55 -14.52
N GLN B 182 7.71 -12.31 -13.25
CA GLN B 182 8.13 -10.99 -12.80
C GLN B 182 9.63 -10.74 -12.89
N LYS B 183 10.41 -11.78 -13.14
CA LYS B 183 11.87 -11.64 -13.11
C LYS B 183 12.56 -12.16 -14.36
N LEU B 184 12.05 -13.26 -14.91
CA LEU B 184 12.71 -13.94 -16.03
C LEU B 184 12.82 -13.13 -17.33
N PRO B 185 11.71 -12.54 -17.82
CA PRO B 185 11.79 -11.84 -19.12
C PRO B 185 12.84 -10.73 -19.13
N GLN B 186 12.90 -9.94 -18.07
CA GLN B 186 13.87 -8.85 -17.97
C GLN B 186 15.31 -9.39 -17.96
N ALA B 187 15.52 -10.49 -17.25
CA ALA B 187 16.84 -11.08 -17.11
C ALA B 187 17.44 -11.57 -18.44
N VAL B 188 16.60 -12.09 -19.31
CA VAL B 188 17.07 -12.71 -20.56
C VAL B 188 16.98 -11.79 -21.79
N MET B 189 16.28 -10.66 -21.66
CA MET B 189 16.02 -9.79 -22.80
C MET B 189 16.27 -8.33 -22.50
N GLY B 190 16.45 -8.01 -21.22
CA GLY B 190 16.73 -6.66 -20.78
C GLY B 190 15.68 -5.68 -21.29
N ALA B 191 16.15 -4.67 -22.01
CA ALA B 191 15.32 -3.56 -22.45
C ALA B 191 14.35 -3.96 -23.56
N SER B 192 14.59 -5.13 -24.16
CA SER B 192 13.76 -5.60 -25.27
C SER B 192 12.40 -6.10 -24.81
N TYR B 193 12.28 -6.38 -23.53
CA TYR B 193 11.03 -6.84 -22.94
C TYR B 193 10.05 -5.67 -22.88
N GLY B 194 9.03 -5.71 -23.74
CA GLY B 194 8.13 -4.58 -23.92
C GLY B 194 7.10 -4.37 -22.82
N PHE B 195 6.65 -5.46 -22.19
CA PHE B 195 5.57 -5.38 -21.22
C PHE B 195 5.93 -4.63 -19.96
N GLN B 196 7.22 -4.38 -19.73
CA GLN B 196 7.64 -3.63 -18.57
C GLN B 196 7.41 -2.13 -18.76
N TYR B 197 7.15 -1.72 -20.00
CA TYR B 197 7.05 -0.29 -20.32
C TYR B 197 5.61 0.21 -20.28
N SER B 198 5.41 1.39 -19.70
CA SER B 198 4.18 2.14 -19.90
C SER B 198 4.21 2.65 -21.35
N PRO B 199 3.04 3.05 -21.89
CA PRO B 199 3.00 3.61 -23.25
C PRO B 199 4.02 4.71 -23.49
N ALA B 200 4.16 5.63 -22.53
CA ALA B 200 5.14 6.70 -22.65
C ALA B 200 6.58 6.16 -22.71
N GLN B 201 6.86 5.17 -21.86
CA GLN B 201 8.19 4.57 -21.82
C GLN B 201 8.46 3.78 -23.09
N ARG B 202 7.40 3.17 -23.62
CA ARG B 202 7.47 2.46 -24.89
CA ARG B 202 7.49 2.45 -24.89
C ARG B 202 7.90 3.41 -26.00
N VAL B 203 7.29 4.59 -25.98
CA VAL B 203 7.58 5.64 -26.95
C VAL B 203 9.03 6.08 -26.80
N GLU B 204 9.45 6.29 -25.56
CA GLU B 204 10.81 6.72 -25.25
C GLU B 204 11.84 5.72 -25.77
N TYR B 205 11.57 4.45 -25.53
CA TYR B 205 12.47 3.38 -25.95
C TYR B 205 12.61 3.36 -27.48
N LEU B 206 11.48 3.43 -28.17
CA LEU B 206 11.48 3.47 -29.63
C LEU B 206 12.22 4.70 -30.14
N LEU B 207 11.99 5.85 -29.51
CA LEU B 207 12.71 7.07 -29.86
C LEU B 207 14.23 6.93 -29.69
N LYS B 208 14.65 6.40 -28.54
CA LYS B 208 16.07 6.20 -28.27
C LYS B 208 16.70 5.27 -29.30
N ALA B 209 16.04 4.15 -29.55
CA ALA B 209 16.52 3.15 -30.49
C ALA B 209 16.69 3.77 -31.87
N TRP B 210 15.70 4.55 -32.27
CA TRP B 210 15.71 5.19 -33.58
C TRP B 210 16.87 6.19 -33.71
N ALA B 211 17.09 6.98 -32.67
CA ALA B 211 18.11 8.02 -32.70
C ALA B 211 19.53 7.47 -32.66
N GLU B 212 19.71 6.29 -32.08
CA GLU B 212 21.05 5.74 -31.91
C GLU B 212 21.59 5.10 -33.20
N LYS B 213 20.74 5.00 -34.23
CA LYS B 213 21.19 4.48 -35.52
C LYS B 213 21.65 5.64 -36.38
N LYS B 214 22.71 5.45 -37.15
CA LYS B 214 23.16 6.47 -38.08
C LYS B 214 22.14 6.65 -39.19
N ASP B 215 21.63 5.53 -39.70
CA ASP B 215 20.60 5.57 -40.72
C ASP B 215 19.56 4.49 -40.41
N PRO B 216 18.55 4.85 -39.61
CA PRO B 216 17.63 3.87 -39.04
C PRO B 216 16.67 3.27 -40.06
N MET B 217 16.36 1.98 -39.87
CA MET B 217 15.31 1.31 -40.64
C MET B 217 14.61 0.35 -39.70
N GLY B 218 13.28 0.40 -39.68
CA GLY B 218 12.51 -0.44 -38.80
C GLY B 218 11.54 -1.33 -39.55
N PHE B 219 11.14 -2.41 -38.91
CA PHE B 219 10.00 -3.20 -39.37
C PHE B 219 9.29 -3.90 -38.22
N SER B 220 8.04 -4.25 -38.45
CA SER B 220 7.31 -5.09 -37.51
C SER B 220 7.14 -6.44 -38.19
N TYR B 221 7.07 -7.49 -37.38
CA TYR B 221 6.96 -8.83 -37.96
C TYR B 221 5.71 -9.53 -37.42
N ASP B 222 4.86 -9.93 -38.34
CA ASP B 222 3.59 -10.55 -37.99
C ASP B 222 3.64 -12.04 -38.27
N THR B 223 3.65 -12.83 -37.21
CA THR B 223 3.63 -14.28 -37.35
C THR B 223 2.21 -14.74 -37.56
N ARG B 224 2.00 -15.55 -38.59
CA ARG B 224 0.70 -16.16 -38.81
C ARG B 224 0.37 -17.08 -37.65
N CYS B 225 -0.64 -16.71 -36.86
CA CYS B 225 -1.11 -17.52 -35.75
CA CYS B 225 -1.11 -17.50 -35.72
C CYS B 225 0.04 -18.06 -34.90
N PHE B 226 0.71 -17.18 -34.16
CA PHE B 226 1.88 -17.54 -33.36
C PHE B 226 1.67 -18.76 -32.47
N ASP B 227 0.61 -18.75 -31.68
CA ASP B 227 0.33 -19.85 -30.74
C ASP B 227 0.36 -21.21 -31.44
N SER B 228 -0.18 -21.25 -32.65
CA SER B 228 -0.22 -22.49 -33.42
C SER B 228 1.14 -22.90 -33.98
N THR B 229 2.04 -21.93 -34.15
CA THR B 229 3.36 -22.23 -34.69
C THR B 229 4.31 -22.73 -33.61
N VAL B 230 3.98 -22.43 -32.37
CA VAL B 230 4.79 -22.89 -31.24
C VAL B 230 4.75 -24.41 -31.14
N THR B 231 5.92 -25.03 -31.15
CA THR B 231 5.99 -26.49 -31.19
C THR B 231 6.18 -27.08 -29.80
N GLU B 232 5.96 -28.38 -29.69
CA GLU B 232 6.20 -29.11 -28.46
C GLU B 232 7.63 -28.92 -27.97
N ARG B 233 8.58 -28.95 -28.91
CA ARG B 233 9.98 -28.65 -28.59
C ARG B 233 10.14 -27.23 -28.02
N ASP B 234 9.53 -26.24 -28.66
CA ASP B 234 9.56 -24.86 -28.18
C ASP B 234 9.13 -24.77 -26.72
N ILE B 235 8.04 -25.46 -26.40
CA ILE B 235 7.46 -25.39 -25.07
C ILE B 235 8.35 -26.09 -24.03
N ARG B 236 8.93 -27.22 -24.40
CA ARG B 236 9.88 -27.91 -23.52
C ARG B 236 11.18 -27.11 -23.39
N THR B 237 11.54 -26.40 -24.45
CA THR B 237 12.66 -25.46 -24.38
C THR B 237 12.39 -24.36 -23.36
N GLU B 238 11.17 -23.82 -23.38
CA GLU B 238 10.75 -22.85 -22.37
C GLU B 238 10.91 -23.38 -20.95
N GLU B 239 10.45 -24.61 -20.69
CA GLU B 239 10.66 -25.22 -19.38
C GLU B 239 12.14 -25.26 -19.00
N SER B 240 12.99 -25.60 -19.96
CA SER B 240 14.42 -25.67 -19.71
CA SER B 240 14.43 -25.67 -19.73
C SER B 240 14.96 -24.30 -19.32
N ILE B 241 14.38 -23.25 -19.88
CA ILE B 241 14.77 -21.90 -19.50
C ILE B 241 14.25 -21.58 -18.10
N TYR B 242 13.04 -22.03 -17.80
CA TYR B 242 12.48 -21.80 -16.47
C TYR B 242 13.34 -22.48 -15.43
N GLN B 243 13.73 -23.72 -15.71
CA GLN B 243 14.49 -24.53 -14.76
C GLN B 243 15.93 -24.05 -14.59
N ALA B 244 16.40 -23.19 -15.50
CA ALA B 244 17.73 -22.62 -15.38
C ALA B 244 17.78 -21.64 -14.21
N CYS B 245 16.62 -21.14 -13.81
CA CYS B 245 16.54 -20.25 -12.66
C CYS B 245 16.86 -21.02 -11.40
N SER B 246 17.23 -20.29 -10.34
CA SER B 246 17.38 -20.89 -9.03
C SER B 246 16.01 -20.99 -8.35
N LEU B 247 15.55 -22.22 -8.12
CA LEU B 247 14.18 -22.46 -7.65
C LEU B 247 14.17 -23.55 -6.58
N PRO B 248 13.18 -23.49 -5.66
CA PRO B 248 12.96 -24.59 -4.71
C PRO B 248 12.45 -25.83 -5.43
N GLU B 249 12.77 -27.02 -4.88
CA GLU B 249 12.41 -28.29 -5.50
C GLU B 249 10.94 -28.39 -5.86
N GLU B 250 10.08 -27.94 -4.96
CA GLU B 250 8.64 -28.02 -5.16
C GLU B 250 8.19 -27.24 -6.39
N ALA B 251 8.80 -26.08 -6.61
CA ALA B 251 8.50 -25.30 -7.80
C ALA B 251 8.94 -26.03 -9.06
N ARG B 252 10.16 -26.57 -9.03
CA ARG B 252 10.70 -27.35 -10.15
C ARG B 252 9.75 -28.48 -10.52
N THR B 253 9.26 -29.18 -9.51
CA THR B 253 8.38 -30.32 -9.71
C THR B 253 7.09 -29.84 -10.38
N ALA B 254 6.44 -28.86 -9.77
CA ALA B 254 5.19 -28.33 -10.30
C ALA B 254 5.33 -27.77 -11.72
N ILE B 255 6.44 -27.08 -11.97
CA ILE B 255 6.68 -26.50 -13.28
C ILE B 255 6.83 -27.59 -14.35
N HIS B 256 7.52 -28.67 -14.01
CA HIS B 256 7.68 -29.80 -14.92
C HIS B 256 6.35 -30.50 -15.19
N SER B 257 5.58 -30.71 -14.13
CA SER B 257 4.25 -31.32 -14.27
C SER B 257 3.34 -30.48 -15.14
N LEU B 258 3.31 -29.17 -14.89
CA LEU B 258 2.49 -28.27 -15.69
C LEU B 258 2.90 -28.27 -17.17
N THR B 259 4.21 -28.38 -17.42
CA THR B 259 4.72 -28.40 -18.79
C THR B 259 4.26 -29.63 -19.54
N GLU B 260 4.45 -30.81 -18.93
CA GLU B 260 4.15 -32.08 -19.58
C GLU B 260 2.65 -32.36 -19.68
N ARG B 261 1.91 -31.94 -18.65
CA ARG B 261 0.49 -32.26 -18.55
C ARG B 261 -0.41 -31.20 -19.18
N LEU B 262 0.10 -29.98 -19.27
CA LEU B 262 -0.71 -28.86 -19.73
C LEU B 262 -0.08 -28.09 -20.90
N TYR B 263 1.09 -27.52 -20.67
CA TYR B 263 1.70 -26.62 -21.65
C TYR B 263 2.03 -27.26 -23.00
N VAL B 264 2.55 -28.49 -23.00
CA VAL B 264 2.95 -29.12 -24.26
C VAL B 264 1.76 -29.59 -25.08
N GLY B 265 0.61 -29.69 -24.44
CA GLY B 265 -0.57 -30.17 -25.14
C GLY B 265 -1.55 -30.90 -24.25
N GLY B 266 -2.60 -31.44 -24.87
CA GLY B 266 -3.67 -32.06 -24.13
C GLY B 266 -5.01 -31.98 -24.83
N PRO B 267 -6.00 -32.72 -24.30
CA PRO B 267 -7.33 -32.84 -24.89
C PRO B 267 -8.17 -31.59 -24.64
N MET B 268 -9.00 -31.24 -25.62
CA MET B 268 -9.83 -30.05 -25.52
C MET B 268 -11.30 -30.45 -25.50
N PHE B 269 -12.05 -29.84 -24.59
CA PHE B 269 -13.48 -30.12 -24.47
C PHE B 269 -14.29 -28.87 -24.72
N ASN B 270 -15.50 -29.04 -25.26
CA ASN B 270 -16.40 -27.91 -25.45
C ASN B 270 -17.18 -27.62 -24.18
N SER B 271 -17.95 -26.55 -24.17
CA SER B 271 -18.69 -26.15 -22.98
C SER B 271 -19.64 -27.25 -22.52
N LYS B 272 -20.07 -28.11 -23.45
CA LYS B 272 -20.97 -29.20 -23.11
C LYS B 272 -20.25 -30.43 -22.57
N GLY B 273 -18.92 -30.41 -22.58
CA GLY B 273 -18.14 -31.51 -22.02
C GLY B 273 -17.84 -32.61 -23.01
N GLN B 274 -18.19 -32.40 -24.28
CA GLN B 274 -17.84 -33.35 -25.32
C GLN B 274 -16.38 -33.13 -25.73
N THR B 275 -15.69 -34.22 -26.04
CA THR B 275 -14.32 -34.14 -26.51
C THR B 275 -14.29 -33.45 -27.87
N CYS B 276 -13.48 -32.40 -27.97
CA CYS B 276 -13.50 -31.54 -29.14
C CYS B 276 -12.27 -31.75 -30.01
N GLY B 277 -11.12 -31.95 -29.37
CA GLY B 277 -9.90 -32.22 -30.09
C GLY B 277 -8.67 -32.33 -29.20
N TYR B 278 -7.50 -32.29 -29.80
CA TYR B 278 -6.25 -32.40 -29.06
C TYR B 278 -5.26 -31.35 -29.52
N ARG B 279 -4.60 -30.71 -28.56
CA ARG B 279 -3.69 -29.61 -28.84
C ARG B 279 -2.23 -30.05 -28.75
N ARG B 280 -1.41 -29.61 -29.69
CA ARG B 280 0.03 -29.86 -29.64
C ARG B 280 0.79 -28.55 -29.86
N CYS B 281 0.17 -27.45 -29.47
CA CYS B 281 0.79 -26.15 -29.61
C CYS B 281 0.56 -25.33 -28.34
N ARG B 282 0.85 -24.04 -28.40
CA ARG B 282 0.66 -23.17 -27.25
C ARG B 282 -0.81 -23.12 -26.86
N ALA B 283 -1.09 -23.26 -25.57
CA ALA B 283 -2.44 -23.01 -25.08
C ALA B 283 -2.60 -21.50 -24.93
N SER B 284 -3.65 -20.97 -25.52
CA SER B 284 -3.85 -19.52 -25.56
C SER B 284 -4.34 -18.94 -24.24
N GLY B 285 -4.77 -19.79 -23.32
CA GLY B 285 -5.37 -19.32 -22.08
C GLY B 285 -4.72 -19.79 -20.81
N VAL B 286 -3.39 -19.90 -20.81
CA VAL B 286 -2.66 -20.27 -19.60
C VAL B 286 -1.78 -19.11 -19.12
N LEU B 287 -1.24 -19.25 -17.91
CA LEU B 287 -0.44 -18.19 -17.33
C LEU B 287 0.80 -17.86 -18.17
N THR B 288 1.38 -18.88 -18.80
CA THR B 288 2.65 -18.73 -19.51
C THR B 288 2.52 -18.32 -20.97
N THR B 289 1.29 -18.19 -21.48
CA THR B 289 1.06 -17.81 -22.86
C THR B 289 1.86 -16.59 -23.28
N SER B 290 1.84 -15.55 -22.46
CA SER B 290 2.42 -14.28 -22.83
C SER B 290 3.94 -14.26 -22.60
N MET B 291 4.38 -14.69 -21.43
CA MET B 291 5.81 -14.85 -21.16
C MET B 291 6.47 -15.80 -22.15
N GLY B 292 5.84 -16.95 -22.38
CA GLY B 292 6.37 -17.95 -23.30
C GLY B 292 6.49 -17.42 -24.72
N ASN B 293 5.42 -16.78 -25.21
CA ASN B 293 5.46 -16.20 -26.55
C ASN B 293 6.55 -15.14 -26.64
N THR B 294 6.63 -14.30 -25.63
CA THR B 294 7.64 -13.24 -25.59
C THR B 294 9.06 -13.79 -25.67
N ILE B 295 9.35 -14.81 -24.86
CA ILE B 295 10.67 -15.40 -24.81
C ILE B 295 11.01 -16.15 -26.10
N THR B 296 10.07 -16.95 -26.58
CA THR B 296 10.28 -17.79 -27.75
C THR B 296 10.38 -16.94 -29.02
N CYS B 297 9.57 -15.88 -29.08
CA CYS B 297 9.65 -14.93 -30.18
C CYS B 297 11.01 -14.25 -30.17
N TYR B 298 11.46 -13.84 -28.99
CA TYR B 298 12.75 -13.18 -28.86
C TYR B 298 13.88 -14.10 -29.31
N VAL B 299 13.83 -15.36 -28.90
CA VAL B 299 14.86 -16.33 -29.26
C VAL B 299 14.93 -16.49 -30.76
N LYS B 300 13.78 -16.74 -31.39
CA LYS B 300 13.72 -16.93 -32.83
C LYS B 300 14.11 -15.66 -33.60
N ALA B 301 13.66 -14.51 -33.10
CA ALA B 301 13.90 -13.24 -33.77
C ALA B 301 15.37 -12.86 -33.73
N LEU B 302 15.97 -12.92 -32.54
CA LEU B 302 17.39 -12.57 -32.40
C LEU B 302 18.24 -13.52 -33.24
N ALA B 303 17.84 -14.79 -33.27
CA ALA B 303 18.56 -15.79 -34.06
C ALA B 303 18.36 -15.50 -35.55
N ALA B 304 17.14 -15.12 -35.91
CA ALA B 304 16.83 -14.77 -37.29
C ALA B 304 17.61 -13.53 -37.74
N CYS B 305 17.85 -12.60 -36.82
CA CYS B 305 18.64 -11.41 -37.13
C CYS B 305 20.07 -11.81 -37.45
N LYS B 306 20.60 -12.75 -36.69
CA LYS B 306 21.95 -13.24 -36.89
C LYS B 306 22.06 -14.05 -38.19
N ALA B 307 21.10 -14.94 -38.42
CA ALA B 307 21.03 -15.70 -39.66
C ALA B 307 21.01 -14.80 -40.90
N ALA B 308 20.29 -13.69 -40.82
CA ALA B 308 20.09 -12.81 -41.97
C ALA B 308 21.17 -11.74 -42.08
N GLY B 309 21.86 -11.50 -40.97
CA GLY B 309 22.91 -10.50 -40.93
C GLY B 309 22.39 -9.10 -40.73
N ILE B 310 21.24 -8.98 -40.09
CA ILE B 310 20.66 -7.69 -39.72
C ILE B 310 21.70 -6.92 -38.91
N VAL B 311 21.99 -5.69 -39.31
CA VAL B 311 23.07 -4.92 -38.70
C VAL B 311 22.63 -4.10 -37.48
N ALA B 312 23.18 -4.44 -36.32
CA ALA B 312 22.90 -3.75 -35.06
C ALA B 312 21.41 -3.69 -34.71
N PRO B 313 20.78 -4.87 -34.56
CA PRO B 313 19.34 -4.89 -34.28
C PRO B 313 19.00 -4.45 -32.88
N THR B 314 17.95 -3.65 -32.76
CA THR B 314 17.38 -3.31 -31.47
C THR B 314 15.93 -3.76 -31.54
N MET B 315 15.52 -4.58 -30.57
CA MET B 315 14.23 -5.24 -30.66
C MET B 315 13.27 -4.79 -29.57
N LEU B 316 11.98 -4.86 -29.88
CA LEU B 316 10.94 -4.66 -28.89
C LEU B 316 9.94 -5.81 -29.00
N VAL B 317 9.79 -6.58 -27.94
CA VAL B 317 8.97 -7.79 -27.98
C VAL B 317 7.84 -7.77 -26.94
N CYS B 318 6.62 -7.98 -27.41
CA CYS B 318 5.47 -8.14 -26.53
C CYS B 318 4.67 -9.33 -27.03
N GLY B 319 4.86 -10.49 -26.41
CA GLY B 319 4.26 -11.71 -26.91
C GLY B 319 4.72 -11.96 -28.34
N ASP B 320 3.77 -12.23 -29.22
CA ASP B 320 4.07 -12.48 -30.63
C ASP B 320 4.36 -11.19 -31.39
N ASP B 321 4.19 -10.05 -30.72
CA ASP B 321 4.40 -8.76 -31.37
C ASP B 321 5.88 -8.36 -31.36
N LEU B 322 6.41 -8.06 -32.53
CA LEU B 322 7.85 -7.88 -32.71
C LEU B 322 8.19 -6.69 -33.59
N VAL B 323 8.99 -5.77 -33.05
CA VAL B 323 9.57 -4.68 -33.84
C VAL B 323 11.09 -4.76 -33.80
N VAL B 324 11.72 -4.62 -34.96
CA VAL B 324 13.17 -4.58 -35.06
C VAL B 324 13.63 -3.26 -35.69
N ILE B 325 14.46 -2.53 -34.95
CA ILE B 325 15.07 -1.31 -35.47
C ILE B 325 16.57 -1.51 -35.66
N SER B 326 17.07 -1.23 -36.85
CA SER B 326 18.48 -1.47 -37.16
C SER B 326 19.08 -0.45 -38.12
N GLU B 327 20.35 -0.67 -38.46
CA GLU B 327 21.06 0.17 -39.42
C GLU B 327 20.68 -0.19 -40.85
N SER B 328 20.13 0.78 -41.60
CA SER B 328 19.83 0.56 -43.01
C SER B 328 21.12 0.25 -43.78
N GLN B 329 21.02 -0.68 -44.73
CA GLN B 329 22.15 -1.05 -45.57
C GLN B 329 21.87 -0.66 -47.01
N GLY B 330 20.88 0.19 -47.19
CA GLY B 330 20.42 0.57 -48.53
C GLY B 330 19.06 -0.01 -48.84
N THR B 331 18.38 0.62 -49.81
CA THR B 331 17.01 0.29 -50.18
C THR B 331 16.83 -1.16 -50.61
N GLU B 332 17.60 -1.60 -51.60
CA GLU B 332 17.48 -2.97 -52.08
C GLU B 332 18.01 -3.97 -51.06
N GLU B 333 19.06 -3.58 -50.35
CA GLU B 333 19.69 -4.43 -49.36
C GLU B 333 18.74 -4.76 -48.22
N ASP B 334 18.02 -3.75 -47.76
CA ASP B 334 17.05 -3.92 -46.68
C ASP B 334 15.94 -4.89 -47.07
N GLU B 335 15.41 -4.71 -48.28
CA GLU B 335 14.41 -5.64 -48.80
C GLU B 335 14.97 -7.06 -48.81
N ARG B 336 16.19 -7.20 -49.30
CA ARG B 336 16.88 -8.48 -49.36
C ARG B 336 17.03 -9.05 -47.95
N ASN B 337 17.61 -8.26 -47.05
CA ASN B 337 17.85 -8.70 -45.68
C ASN B 337 16.58 -9.11 -44.93
N LEU B 338 15.49 -8.38 -45.14
CA LEU B 338 14.21 -8.74 -44.54
C LEU B 338 13.67 -10.08 -45.04
N ARG B 339 13.89 -10.35 -46.32
CA ARG B 339 13.48 -11.65 -46.87
C ARG B 339 14.23 -12.79 -46.20
N ALA B 340 15.52 -12.60 -45.96
CA ALA B 340 16.34 -13.64 -45.34
C ALA B 340 15.93 -13.85 -43.89
N PHE B 341 15.62 -12.75 -43.21
CA PHE B 341 15.11 -12.80 -41.85
C PHE B 341 13.83 -13.63 -41.81
N THR B 342 12.93 -13.32 -42.75
CA THR B 342 11.66 -14.04 -42.88
C THR B 342 11.85 -15.54 -43.11
N GLU B 343 12.81 -15.89 -43.96
CA GLU B 343 13.10 -17.30 -44.24
C GLU B 343 13.65 -18.03 -43.02
N ALA B 344 14.47 -17.34 -42.23
CA ALA B 344 14.99 -17.91 -41.00
C ALA B 344 13.86 -18.14 -40.00
N MET B 345 13.01 -17.14 -39.82
CA MET B 345 11.85 -17.23 -38.95
C MET B 345 10.95 -18.38 -39.39
N THR B 346 10.78 -18.53 -40.70
CA THR B 346 9.98 -19.62 -41.26
C THR B 346 10.58 -20.98 -40.90
N ARG B 347 11.90 -21.10 -41.00
CA ARG B 347 12.59 -22.34 -40.67
C ARG B 347 12.45 -22.65 -39.18
N TYR B 348 12.38 -21.60 -38.36
CA TYR B 348 12.28 -21.77 -36.93
C TYR B 348 10.83 -22.04 -36.52
N SER B 349 9.95 -22.12 -37.52
CA SER B 349 8.52 -22.34 -37.33
C SER B 349 7.81 -21.07 -36.85
N ALA B 350 8.14 -19.95 -37.47
CA ALA B 350 7.39 -18.71 -37.28
C ALA B 350 7.25 -18.00 -38.62
N PRO B 351 6.49 -18.61 -39.55
CA PRO B 351 6.28 -18.02 -40.87
C PRO B 351 5.45 -16.74 -40.77
N PRO B 352 5.57 -15.85 -41.76
CA PRO B 352 4.87 -14.56 -41.67
C PRO B 352 3.40 -14.66 -42.05
N GLY B 353 2.61 -13.73 -41.53
CA GLY B 353 1.28 -13.49 -42.04
C GLY B 353 1.46 -12.64 -43.28
N ASP B 354 1.57 -11.33 -43.08
CA ASP B 354 2.01 -10.42 -44.12
C ASP B 354 3.53 -10.25 -44.03
N PRO B 355 4.20 -10.18 -45.19
CA PRO B 355 5.67 -10.07 -45.13
C PRO B 355 6.07 -8.71 -44.58
N PRO B 356 7.18 -8.66 -43.83
CA PRO B 356 7.58 -7.37 -43.26
C PRO B 356 8.05 -6.40 -44.33
N ARG B 357 7.92 -5.10 -44.07
CA ARG B 357 8.28 -4.08 -45.03
C ARG B 357 9.20 -3.09 -44.32
N PRO B 358 10.29 -2.69 -44.99
CA PRO B 358 11.18 -1.70 -44.36
C PRO B 358 10.51 -0.34 -44.28
N GLU B 359 10.65 0.32 -43.13
CA GLU B 359 10.12 1.66 -42.94
C GLU B 359 11.25 2.57 -42.50
N TYR B 360 11.26 3.80 -43.01
CA TYR B 360 12.34 4.71 -42.69
C TYR B 360 11.78 5.90 -41.92
N ASP B 361 10.52 5.76 -41.53
CA ASP B 361 9.82 6.76 -40.73
C ASP B 361 9.19 6.02 -39.54
N LEU B 362 9.63 6.39 -38.34
CA LEU B 362 9.21 5.72 -37.11
C LEU B 362 7.70 5.75 -36.89
N GLU B 363 7.07 6.86 -37.29
CA GLU B 363 5.62 7.03 -37.14
C GLU B 363 4.83 6.02 -37.95
N LEU B 364 5.44 5.46 -38.99
CA LEU B 364 4.76 4.53 -39.87
C LEU B 364 4.82 3.09 -39.36
N ILE B 365 5.54 2.89 -38.27
CA ILE B 365 5.67 1.55 -37.69
C ILE B 365 4.53 1.25 -36.72
N THR B 366 3.77 0.21 -37.02
CA THR B 366 2.67 -0.20 -36.15
C THR B 366 3.15 -1.34 -35.28
N SER B 367 3.15 -1.08 -33.97
CA SER B 367 3.61 -2.04 -32.97
C SER B 367 2.56 -2.19 -31.89
N CYS B 368 2.05 -3.42 -31.73
CA CYS B 368 0.96 -3.69 -30.79
C CYS B 368 -0.25 -2.84 -31.13
N SER B 369 -0.61 -2.84 -32.42
CA SER B 369 -1.74 -2.07 -32.95
C SER B 369 -1.59 -0.56 -32.75
N SER B 370 -0.39 -0.14 -32.34
CA SER B 370 -0.12 1.25 -31.99
C SER B 370 0.97 1.88 -32.84
N ASN B 371 1.02 3.20 -32.85
CA ASN B 371 2.10 3.91 -33.53
C ASN B 371 2.46 5.18 -32.77
N VAL B 372 3.68 5.65 -32.98
CA VAL B 372 4.14 6.91 -32.39
C VAL B 372 3.61 8.07 -33.22
N SER B 373 3.12 9.10 -32.54
CA SER B 373 2.75 10.33 -33.22
C SER B 373 3.28 11.51 -32.43
N VAL B 374 3.06 12.71 -32.95
CA VAL B 374 3.63 13.89 -32.34
C VAL B 374 2.60 15.02 -32.27
N ALA B 375 2.69 15.80 -31.21
CA ALA B 375 1.87 16.99 -31.06
C ALA B 375 2.72 18.02 -30.34
N LEU B 376 2.13 19.16 -30.02
CA LEU B 376 2.83 20.20 -29.29
C LEU B 376 2.30 20.29 -27.88
N GLY B 377 3.20 20.48 -26.93
CA GLY B 377 2.79 20.62 -25.54
C GLY B 377 2.56 22.09 -25.28
N PRO B 378 2.32 22.45 -24.02
CA PRO B 378 2.41 23.89 -23.76
C PRO B 378 3.86 24.30 -23.90
N ARG B 379 4.13 25.61 -23.97
CA ARG B 379 5.48 26.09 -24.26
C ARG B 379 6.08 25.67 -25.62
N GLY B 380 5.28 25.00 -26.45
CA GLY B 380 5.58 24.83 -27.86
C GLY B 380 6.54 23.75 -28.32
N ARG B 381 6.95 22.86 -27.41
CA ARG B 381 7.93 21.85 -27.79
C ARG B 381 7.17 20.63 -28.34
N ARG B 382 7.79 19.92 -29.28
CA ARG B 382 7.20 18.72 -29.86
C ARG B 382 7.15 17.63 -28.81
N ARG B 383 6.05 16.89 -28.78
CA ARG B 383 5.88 15.84 -27.79
C ARG B 383 5.38 14.57 -28.44
N TYR B 384 6.11 13.48 -28.21
CA TYR B 384 5.75 12.21 -28.81
C TYR B 384 4.91 11.42 -27.82
N TYR B 385 4.02 10.61 -28.38
CA TYR B 385 3.06 9.86 -27.60
C TYR B 385 2.54 8.70 -28.43
N LEU B 386 1.97 7.71 -27.75
CA LEU B 386 1.46 6.52 -28.42
C LEU B 386 -0.02 6.68 -28.76
N THR B 387 -0.39 6.31 -29.98
CA THR B 387 -1.77 6.37 -30.42
C THR B 387 -2.11 5.16 -31.28
N ARG B 388 -3.30 5.17 -31.87
CA ARG B 388 -3.74 4.09 -32.74
C ARG B 388 -5.04 4.49 -33.43
N ASP B 389 -5.40 3.76 -34.47
CA ASP B 389 -6.69 3.93 -35.12
C ASP B 389 -7.77 3.61 -34.07
N PRO B 390 -8.68 4.56 -33.85
CA PRO B 390 -9.68 4.51 -32.77
C PRO B 390 -10.92 3.68 -33.08
N THR B 391 -11.01 3.14 -34.29
CA THR B 391 -12.20 2.43 -34.76
C THR B 391 -12.68 1.35 -33.81
N THR B 392 -11.80 0.42 -33.48
CA THR B 392 -12.16 -0.69 -32.60
C THR B 392 -12.43 -0.22 -31.16
N PRO B 393 -11.55 0.62 -30.58
CA PRO B 393 -11.90 1.23 -29.29
C PRO B 393 -13.28 1.90 -29.28
N LEU B 394 -13.65 2.60 -30.34
CA LEU B 394 -14.94 3.27 -30.41
C LEU B 394 -16.10 2.29 -30.51
N ALA B 395 -15.94 1.32 -31.41
CA ALA B 395 -16.95 0.27 -31.58
C ALA B 395 -17.20 -0.47 -30.27
N ARG B 396 -16.13 -0.74 -29.53
CA ARG B 396 -16.25 -1.44 -28.25
C ARG B 396 -16.86 -0.54 -27.19
N ALA B 397 -16.52 0.74 -27.24
CA ALA B 397 -17.05 1.69 -26.28
C ALA B 397 -18.56 1.81 -26.44
N ALA B 398 -19.03 1.73 -27.68
CA ALA B 398 -20.45 1.76 -27.97
C ALA B 398 -21.16 0.53 -27.38
N TRP B 399 -20.59 -0.64 -27.65
CA TRP B 399 -21.16 -1.90 -27.16
C TRP B 399 -21.20 -1.88 -25.65
N GLU B 400 -20.13 -1.40 -25.04
CA GLU B 400 -20.01 -1.39 -23.58
C GLU B 400 -20.90 -0.32 -22.94
N THR B 401 -21.37 0.62 -23.76
CA THR B 401 -22.26 1.66 -23.27
C THR B 401 -23.65 1.08 -22.99
N VAL B 402 -24.06 0.10 -23.79
CA VAL B 402 -25.40 -0.47 -23.66
C VAL B 402 -25.41 -1.86 -23.06
N ARG B 403 -24.33 -2.61 -23.26
CA ARG B 403 -24.19 -3.91 -22.63
C ARG B 403 -23.03 -3.80 -21.63
N HIS B 404 -23.36 -3.81 -20.36
CA HIS B 404 -22.35 -3.62 -19.32
C HIS B 404 -21.57 -4.90 -19.10
N SER B 405 -20.26 -4.80 -19.29
CA SER B 405 -19.37 -5.93 -19.14
C SER B 405 -18.56 -5.79 -17.86
N PRO B 406 -18.22 -6.92 -17.24
CA PRO B 406 -17.37 -6.95 -16.04
C PRO B 406 -15.96 -6.47 -16.35
N ILE B 407 -15.60 -6.54 -17.63
CA ILE B 407 -14.37 -5.94 -18.10
C ILE B 407 -14.70 -4.90 -19.16
N ASN B 408 -14.27 -3.67 -18.94
N ASN B 408 -14.40 -3.64 -18.90
CA ASN B 408 -14.57 -2.59 -19.89
CA ASN B 408 -14.59 -2.65 -19.94
C ASN B 408 -13.30 -2.25 -20.64
C ASN B 408 -13.29 -2.46 -20.70
N SER B 409 -13.41 -2.05 -21.95
CA SER B 409 -12.24 -1.71 -22.76
C SER B 409 -11.95 -0.21 -22.69
N TRP B 410 -13.03 0.57 -22.60
CA TRP B 410 -12.91 2.02 -22.68
C TRP B 410 -12.06 2.67 -21.58
N LEU B 411 -12.12 2.15 -20.35
CA LEU B 411 -11.30 2.71 -19.28
C LEU B 411 -9.82 2.42 -19.53
N GLY B 412 -9.54 1.25 -20.11
CA GLY B 412 -8.19 0.89 -20.47
C GLY B 412 -7.66 1.80 -21.56
N ASN B 413 -8.47 2.01 -22.59
CA ASN B 413 -8.10 2.90 -23.69
C ASN B 413 -7.85 4.33 -23.23
N ILE B 414 -8.67 4.79 -22.31
CA ILE B 414 -8.52 6.14 -21.78
C ILE B 414 -7.19 6.27 -21.06
N ILE B 415 -6.81 5.23 -20.33
CA ILE B 415 -5.57 5.27 -19.56
C ILE B 415 -4.35 5.14 -20.46
N GLN B 416 -4.36 4.16 -21.36
CA GLN B 416 -3.22 3.93 -22.25
C GLN B 416 -3.04 5.08 -23.24
N TYR B 417 -4.15 5.58 -23.76
CA TYR B 417 -4.12 6.55 -24.85
C TYR B 417 -4.61 7.91 -24.40
N ALA B 418 -4.36 8.22 -23.12
CA ALA B 418 -4.80 9.48 -22.53
C ALA B 418 -4.43 10.75 -23.32
N PRO B 419 -3.19 10.85 -23.85
CA PRO B 419 -2.92 12.10 -24.54
C PRO B 419 -3.45 12.17 -25.97
N THR B 420 -4.13 11.13 -26.44
CA THR B 420 -4.59 11.14 -27.82
C THR B 420 -5.82 12.02 -27.95
N ILE B 421 -6.06 12.52 -29.15
CA ILE B 421 -7.15 13.46 -29.35
C ILE B 421 -8.50 12.74 -29.32
N TRP B 422 -8.50 11.45 -29.62
CA TRP B 422 -9.75 10.72 -29.68
C TRP B 422 -10.20 10.32 -28.29
N VAL B 423 -9.24 10.03 -27.41
CA VAL B 423 -9.55 9.78 -26.02
C VAL B 423 -10.04 11.07 -25.36
N ARG B 424 -9.28 12.15 -25.56
CA ARG B 424 -9.57 13.42 -24.89
C ARG B 424 -10.90 14.03 -25.31
N MET B 425 -11.20 13.98 -26.61
CA MET B 425 -12.37 14.68 -27.12
C MET B 425 -13.61 13.79 -27.18
N VAL B 426 -13.40 12.48 -27.35
CA VAL B 426 -14.52 11.57 -27.52
C VAL B 426 -14.80 10.65 -26.34
N LEU B 427 -13.85 9.78 -26.03
CA LEU B 427 -14.06 8.79 -24.97
C LEU B 427 -14.26 9.40 -23.58
N MET B 428 -13.45 10.39 -23.24
CA MET B 428 -13.57 11.06 -21.94
C MET B 428 -14.92 11.76 -21.84
N THR B 429 -15.25 12.51 -22.90
CA THR B 429 -16.50 13.26 -22.96
C THR B 429 -17.69 12.32 -22.83
N HIS B 430 -17.67 11.24 -23.59
CA HIS B 430 -18.79 10.32 -23.64
C HIS B 430 -19.00 9.61 -22.30
N PHE B 431 -17.93 9.05 -21.77
CA PHE B 431 -18.04 8.24 -20.57
C PHE B 431 -18.26 9.00 -19.26
N PHE B 432 -17.67 10.19 -19.13
CA PHE B 432 -17.98 11.04 -17.99
C PHE B 432 -19.44 11.51 -18.00
N SER B 433 -19.99 11.66 -19.21
CA SER B 433 -21.39 12.00 -19.36
C SER B 433 -22.24 10.82 -18.88
N ILE B 434 -21.95 9.66 -19.45
CA ILE B 434 -22.62 8.41 -19.09
C ILE B 434 -22.59 8.15 -17.58
N LEU B 435 -21.42 8.37 -16.97
CA LEU B 435 -21.27 8.15 -15.53
C LEU B 435 -22.14 9.09 -14.69
N MET B 436 -22.31 10.33 -15.15
CA MET B 436 -23.20 11.26 -14.46
C MET B 436 -24.68 10.90 -14.66
N VAL B 437 -25.03 10.51 -15.88
CA VAL B 437 -26.38 10.09 -16.19
C VAL B 437 -26.80 8.91 -15.31
N GLN B 438 -25.88 7.97 -15.15
CA GLN B 438 -26.12 6.80 -14.31
C GLN B 438 -25.87 7.11 -12.83
N ASP B 439 -25.19 8.22 -12.57
CA ASP B 439 -24.82 8.61 -11.21
C ASP B 439 -23.95 7.54 -10.55
N THR B 440 -22.93 7.07 -11.28
CA THR B 440 -22.01 6.07 -10.75
C THR B 440 -20.56 6.49 -10.89
N LEU B 441 -20.31 7.79 -10.76
CA LEU B 441 -18.95 8.34 -10.86
C LEU B 441 -17.98 7.72 -9.87
N ASP B 442 -18.37 7.69 -8.59
CA ASP B 442 -17.47 7.28 -7.52
C ASP B 442 -17.54 5.77 -7.32
N GLN B 443 -17.15 5.02 -8.33
CA GLN B 443 -17.20 3.57 -8.29
C GLN B 443 -16.07 2.92 -9.08
N ASN B 444 -15.39 1.97 -8.46
CA ASN B 444 -14.31 1.25 -9.11
C ASN B 444 -14.82 0.37 -10.24
N LEU B 445 -14.09 0.35 -11.36
CA LEU B 445 -14.45 -0.49 -12.49
C LEU B 445 -13.26 -1.34 -12.90
N ASN B 446 -13.54 -2.53 -13.42
CA ASN B 446 -12.50 -3.43 -13.91
C ASN B 446 -12.27 -3.30 -15.41
N PHE B 447 -11.01 -3.40 -15.82
CA PHE B 447 -10.67 -3.28 -17.22
C PHE B 447 -9.44 -4.11 -17.56
N GLU B 448 -9.31 -4.48 -18.84
CA GLU B 448 -8.16 -5.21 -19.34
C GLU B 448 -7.10 -4.27 -19.88
N MET B 449 -5.84 -4.59 -19.63
CA MET B 449 -4.72 -3.79 -20.09
C MET B 449 -3.43 -4.60 -20.00
N TYR B 450 -2.67 -4.62 -21.10
CA TYR B 450 -1.50 -5.48 -21.21
C TYR B 450 -1.90 -6.92 -20.90
N GLY B 451 -3.06 -7.31 -21.42
CA GLY B 451 -3.57 -8.63 -21.23
C GLY B 451 -3.84 -9.05 -19.79
N SER B 452 -3.99 -8.09 -18.88
CA SER B 452 -4.36 -8.45 -17.51
C SER B 452 -5.46 -7.54 -16.96
N VAL B 453 -5.95 -7.84 -15.77
CA VAL B 453 -7.10 -7.13 -15.22
C VAL B 453 -6.70 -6.08 -14.19
N TYR B 454 -7.33 -4.91 -14.26
CA TYR B 454 -7.06 -3.82 -13.33
C TYR B 454 -8.37 -3.23 -12.83
N SER B 455 -8.32 -2.55 -11.69
CA SER B 455 -9.50 -1.90 -11.12
C SER B 455 -9.20 -0.44 -10.80
N VAL B 456 -9.99 0.47 -11.37
CA VAL B 456 -9.73 1.90 -11.22
C VAL B 456 -11.02 2.71 -11.01
N ASN B 457 -10.93 3.70 -10.12
CA ASN B 457 -12.00 4.67 -9.95
C ASN B 457 -11.78 5.82 -10.93
N PRO B 458 -12.76 6.07 -11.82
CA PRO B 458 -12.68 7.13 -12.83
C PRO B 458 -12.31 8.49 -12.25
N LEU B 459 -12.78 8.74 -11.03
CA LEU B 459 -12.47 9.98 -10.32
C LEU B 459 -10.97 10.14 -10.04
N ASP B 460 -10.21 9.04 -10.12
CA ASP B 460 -8.77 9.08 -9.91
C ASP B 460 -7.97 9.28 -11.20
N LEU B 461 -8.65 9.29 -12.34
CA LEU B 461 -8.00 9.45 -13.65
C LEU B 461 -7.00 10.61 -13.79
N PRO B 462 -7.31 11.80 -13.25
CA PRO B 462 -6.31 12.87 -13.40
C PRO B 462 -4.93 12.52 -12.83
N ALA B 463 -4.91 12.00 -11.60
CA ALA B 463 -3.66 11.64 -10.94
C ALA B 463 -2.97 10.48 -11.65
N ILE B 464 -3.77 9.51 -12.08
CA ILE B 464 -3.25 8.35 -12.80
C ILE B 464 -2.63 8.78 -14.13
N ILE B 465 -3.31 9.65 -14.85
CA ILE B 465 -2.85 10.12 -16.15
C ILE B 465 -1.57 10.97 -16.03
N GLU B 466 -1.51 11.81 -15.01
CA GLU B 466 -0.31 12.60 -14.75
C GLU B 466 0.92 11.73 -14.45
N ARG B 467 0.73 10.77 -13.55
CA ARG B 467 1.80 9.84 -13.20
C ARG B 467 2.33 9.13 -14.44
N LEU B 468 1.41 8.60 -15.25
CA LEU B 468 1.79 7.87 -16.46
C LEU B 468 2.24 8.72 -17.64
N HIS B 469 1.59 9.86 -17.87
CA HIS B 469 1.80 10.61 -19.12
C HIS B 469 2.36 12.01 -18.91
N GLY B 470 2.49 12.43 -17.65
CA GLY B 470 2.88 13.81 -17.37
C GLY B 470 1.74 14.80 -17.55
N LEU B 471 1.91 15.98 -16.97
CA LEU B 471 0.90 17.05 -17.05
C LEU B 471 0.52 17.50 -18.45
N ASP B 472 1.44 17.36 -19.39
CA ASP B 472 1.20 17.87 -20.74
C ASP B 472 0.10 17.09 -21.47
N ALA B 473 -0.25 15.92 -20.95
CA ALA B 473 -1.36 15.15 -21.48
C ALA B 473 -2.68 15.93 -21.39
N PHE B 474 -2.70 16.97 -20.56
CA PHE B 474 -3.90 17.79 -20.39
C PHE B 474 -3.75 19.08 -21.18
N SER B 475 -2.62 19.25 -21.85
CA SER B 475 -2.27 20.52 -22.44
C SER B 475 -1.78 20.40 -23.88
N MET B 476 -1.81 19.19 -24.42
CA MET B 476 -1.31 18.99 -25.77
C MET B 476 -2.27 19.55 -26.83
N HIS B 477 -1.70 20.09 -27.89
CA HIS B 477 -2.48 20.71 -28.94
C HIS B 477 -1.68 20.63 -30.23
N THR B 478 -2.29 21.08 -31.31
CA THR B 478 -1.67 21.08 -32.63
C THR B 478 -1.20 19.67 -32.97
N TYR B 479 -2.15 18.75 -33.09
CA TYR B 479 -1.85 17.36 -33.39
C TYR B 479 -1.56 17.26 -34.86
N SER B 480 -0.86 16.20 -35.29
CA SER B 480 -0.52 16.09 -36.70
C SER B 480 -1.78 15.91 -37.53
N HIS B 481 -1.77 16.42 -38.75
CA HIS B 481 -2.93 16.36 -39.64
C HIS B 481 -3.30 14.93 -40.02
N HIS B 482 -2.29 14.07 -40.11
CA HIS B 482 -2.51 12.66 -40.38
C HIS B 482 -3.33 11.99 -39.27
N GLU B 483 -2.99 12.30 -38.02
CA GLU B 483 -3.71 11.75 -36.89
C GLU B 483 -5.14 12.31 -36.90
N LEU B 484 -5.26 13.61 -37.09
CA LEU B 484 -6.56 14.27 -37.16
C LEU B 484 -7.44 13.69 -38.25
N THR B 485 -6.83 13.37 -39.39
CA THR B 485 -7.60 12.82 -40.50
C THR B 485 -8.06 11.40 -40.18
N ARG B 486 -7.18 10.60 -39.60
CA ARG B 486 -7.52 9.22 -39.25
C ARG B 486 -8.69 9.18 -38.29
N VAL B 487 -8.65 10.03 -37.27
CA VAL B 487 -9.74 10.13 -36.29
C VAL B 487 -11.05 10.57 -36.95
N ALA B 488 -11.00 11.64 -37.74
CA ALA B 488 -12.19 12.18 -38.38
C ALA B 488 -12.83 11.16 -39.34
N SER B 489 -11.98 10.39 -40.03
CA SER B 489 -12.47 9.37 -40.95
C SER B 489 -13.18 8.27 -40.17
N ALA B 490 -12.59 7.87 -39.05
CA ALA B 490 -13.15 6.83 -38.20
C ALA B 490 -14.49 7.25 -37.65
N LEU B 491 -14.59 8.52 -37.25
CA LEU B 491 -15.85 9.07 -36.78
C LEU B 491 -16.94 9.04 -37.85
N ARG B 492 -16.60 9.51 -39.05
CA ARG B 492 -17.53 9.48 -40.18
C ARG B 492 -17.99 8.06 -40.48
N LYS B 493 -17.02 7.15 -40.59
CA LYS B 493 -17.29 5.74 -40.85
C LYS B 493 -18.30 5.11 -39.89
N LEU B 494 -18.22 5.50 -38.62
CA LEU B 494 -19.10 4.93 -37.60
C LEU B 494 -20.40 5.70 -37.39
N GLY B 495 -20.51 6.86 -38.03
CA GLY B 495 -21.69 7.68 -37.88
C GLY B 495 -21.67 8.39 -36.54
N ALA B 496 -20.46 8.65 -36.05
CA ALA B 496 -20.26 9.39 -34.82
C ALA B 496 -20.27 10.89 -35.11
N PRO B 497 -20.59 11.71 -34.11
CA PRO B 497 -20.49 13.15 -34.32
C PRO B 497 -19.05 13.55 -34.62
N PRO B 498 -18.85 14.60 -35.43
CA PRO B 498 -17.50 15.08 -35.71
C PRO B 498 -16.91 15.79 -34.50
N LEU B 499 -15.60 16.01 -34.51
CA LEU B 499 -14.89 16.56 -33.36
C LEU B 499 -15.47 17.87 -32.84
N ARG B 500 -15.92 18.74 -33.74
CA ARG B 500 -16.50 20.01 -33.33
C ARG B 500 -17.72 19.85 -32.43
N VAL B 501 -18.53 18.83 -32.70
CA VAL B 501 -19.69 18.55 -31.85
C VAL B 501 -19.24 18.10 -30.46
N TRP B 502 -18.23 17.23 -30.43
CA TRP B 502 -17.69 16.73 -29.16
C TRP B 502 -17.15 17.83 -28.25
N LYS B 503 -16.52 18.84 -28.84
CA LYS B 503 -16.01 19.98 -28.08
C LYS B 503 -17.13 20.72 -27.35
N SER B 504 -18.25 20.93 -28.04
CA SER B 504 -19.41 21.57 -27.43
C SER B 504 -19.93 20.70 -26.30
N ARG B 505 -20.05 19.41 -26.58
CA ARG B 505 -20.55 18.44 -25.62
C ARG B 505 -19.63 18.40 -24.39
N ALA B 506 -18.33 18.48 -24.64
CA ALA B 506 -17.33 18.47 -23.57
C ALA B 506 -17.43 19.68 -22.66
N ARG B 507 -17.80 20.83 -23.22
CA ARG B 507 -17.95 22.05 -22.44
C ARG B 507 -19.03 21.87 -21.38
N ALA B 508 -20.11 21.17 -21.76
CA ALA B 508 -21.23 20.93 -20.86
C ALA B 508 -20.87 19.87 -19.82
N VAL B 509 -20.23 18.79 -20.28
CA VAL B 509 -19.78 17.74 -19.38
C VAL B 509 -18.87 18.32 -18.30
N ARG B 510 -17.92 19.14 -18.75
CA ARG B 510 -16.97 19.79 -17.86
C ARG B 510 -17.69 20.61 -16.79
N ALA B 511 -18.66 21.42 -17.21
CA ALA B 511 -19.41 22.28 -16.30
C ALA B 511 -20.18 21.51 -15.25
N SER B 512 -20.80 20.40 -15.64
CA SER B 512 -21.53 19.56 -14.69
C SER B 512 -20.57 18.94 -13.67
N LEU B 513 -19.41 18.49 -14.16
CA LEU B 513 -18.40 17.89 -13.29
C LEU B 513 -17.89 18.89 -12.26
N ILE B 514 -17.67 20.12 -12.70
CA ILE B 514 -17.15 21.17 -11.84
C ILE B 514 -18.16 21.54 -10.75
N SER B 515 -19.44 21.55 -11.13
CA SER B 515 -20.51 21.92 -10.21
C SER B 515 -20.69 20.89 -9.09
N ARG B 516 -20.12 19.70 -9.28
CA ARG B 516 -20.16 18.66 -8.26
C ARG B 516 -19.08 18.79 -7.19
N GLY B 517 -18.11 19.68 -7.40
CA GLY B 517 -16.98 19.81 -6.49
C GLY B 517 -16.16 18.53 -6.37
N GLY B 518 -15.31 18.48 -5.36
CA GLY B 518 -14.52 17.29 -5.05
C GLY B 518 -13.69 16.77 -6.22
N LYS B 519 -13.46 15.46 -6.23
CA LYS B 519 -12.64 14.83 -7.28
C LYS B 519 -13.24 15.06 -8.66
N ALA B 520 -14.56 15.17 -8.71
CA ALA B 520 -15.27 15.35 -9.97
C ALA B 520 -14.93 16.70 -10.59
N ALA B 521 -14.80 17.71 -9.74
CA ALA B 521 -14.42 19.04 -10.21
C ALA B 521 -12.99 19.03 -10.72
N VAL B 522 -12.16 18.21 -10.09
CA VAL B 522 -10.78 18.04 -10.55
C VAL B 522 -10.76 17.43 -11.94
N CYS B 523 -11.51 16.35 -12.10
CA CYS B 523 -11.71 15.71 -13.41
C CYS B 523 -12.16 16.73 -14.45
N GLY B 524 -13.13 17.56 -14.07
CA GLY B 524 -13.64 18.57 -14.97
C GLY B 524 -12.56 19.55 -15.37
N ARG B 525 -11.86 20.09 -14.38
CA ARG B 525 -10.84 21.10 -14.63
C ARG B 525 -9.64 20.55 -15.41
N TYR B 526 -9.22 19.34 -15.09
CA TYR B 526 -8.02 18.76 -15.69
C TYR B 526 -8.27 18.07 -17.03
N LEU B 527 -9.24 17.16 -17.06
CA LEU B 527 -9.48 16.37 -18.26
C LEU B 527 -10.07 17.17 -19.41
N PHE B 528 -10.68 18.32 -19.10
CA PHE B 528 -11.41 19.06 -20.11
C PHE B 528 -11.00 20.52 -20.27
N ASN B 529 -9.79 20.84 -19.83
CA ASN B 529 -9.25 22.19 -20.00
C ASN B 529 -9.16 22.57 -21.47
N TRP B 530 -9.00 21.57 -22.33
CA TRP B 530 -8.86 21.77 -23.76
C TRP B 530 -10.13 22.34 -24.38
N ALA B 531 -11.25 22.25 -23.67
CA ALA B 531 -12.55 22.54 -24.27
C ALA B 531 -13.01 23.99 -24.08
N VAL B 532 -12.41 24.68 -23.13
CA VAL B 532 -12.81 26.05 -22.81
C VAL B 532 -11.95 27.14 -23.47
N LYS B 533 -12.55 28.30 -23.66
CA LYS B 533 -11.88 29.42 -24.31
C LYS B 533 -10.74 29.95 -23.45
N THR B 534 -11.04 30.20 -22.18
CA THR B 534 -10.03 30.65 -21.24
C THR B 534 -9.56 29.46 -20.42
N LYS B 535 -8.38 28.95 -20.77
CA LYS B 535 -7.86 27.73 -20.15
C LYS B 535 -7.40 28.00 -18.72
N LEU B 536 -7.59 27.03 -17.84
CA LEU B 536 -7.03 27.10 -16.49
C LEU B 536 -5.55 26.76 -16.54
N LYS B 537 -4.81 27.21 -15.53
CA LYS B 537 -3.40 26.88 -15.40
C LYS B 537 -3.24 25.65 -14.51
N LEU B 538 -2.89 24.53 -15.12
CA LEU B 538 -2.92 23.26 -14.40
C LEU B 538 -1.64 23.02 -13.61
N THR B 539 -1.79 22.63 -12.35
CA THR B 539 -0.68 22.39 -11.44
C THR B 539 -0.56 20.90 -11.13
N PRO B 540 0.67 20.42 -10.88
CA PRO B 540 0.88 19.01 -10.56
C PRO B 540 0.02 18.55 -9.39
N LEU B 541 -0.51 17.34 -9.50
CA LEU B 541 -1.39 16.77 -8.51
C LEU B 541 -0.61 15.98 -7.47
N PRO B 542 -0.75 16.35 -6.19
CA PRO B 542 -0.05 15.64 -5.12
C PRO B 542 -0.38 14.14 -5.13
N GLU B 543 -1.62 13.79 -5.49
CA GLU B 543 -2.00 12.40 -5.56
C GLU B 543 -1.14 11.64 -6.57
N ALA B 544 -0.83 12.31 -7.67
CA ALA B 544 0.01 11.72 -8.71
C ALA B 544 1.41 11.42 -8.18
N ARG B 545 1.91 12.32 -7.33
CA ARG B 545 3.25 12.19 -6.80
C ARG B 545 3.35 11.02 -5.82
N LEU B 546 2.24 10.73 -5.14
CA LEU B 546 2.23 9.68 -4.12
C LEU B 546 1.82 8.33 -4.67
N LEU B 547 1.88 8.17 -5.99
CA LEU B 547 1.20 7.05 -6.60
C LEU B 547 2.26 6.26 -7.36
N ASP B 548 2.35 4.96 -7.09
CA ASP B 548 3.41 4.14 -7.67
C ASP B 548 2.88 3.07 -8.62
N LEU B 549 2.97 3.37 -9.91
CA LEU B 549 2.49 2.48 -10.97
C LEU B 549 3.70 1.96 -11.71
N SER B 550 4.87 2.16 -11.10
CA SER B 550 6.15 1.84 -11.73
C SER B 550 6.25 0.35 -12.06
N SER B 551 5.35 -0.44 -11.48
CA SER B 551 5.35 -1.87 -11.73
C SER B 551 3.98 -2.31 -12.22
N TRP B 552 3.09 -1.33 -12.42
N TRP B 552 3.10 -1.33 -12.46
CA TRP B 552 1.74 -1.57 -12.92
CA TRP B 552 1.72 -1.60 -12.88
C TRP B 552 1.77 -2.33 -14.22
C TRP B 552 1.65 -2.54 -14.08
N PHE B 553 2.85 -2.15 -14.98
N PHE B 553 2.59 -2.37 -15.00
CA PHE B 553 3.01 -2.76 -16.29
CA PHE B 553 2.58 -3.11 -16.26
C PHE B 553 3.92 -3.99 -16.30
C PHE B 553 3.40 -4.40 -16.17
N THR B 554 3.30 -5.16 -16.37
N THR B 554 4.47 -4.37 -15.38
CA THR B 554 4.02 -6.40 -16.62
CA THR B 554 5.29 -5.56 -15.16
C THR B 554 3.32 -7.28 -17.67
C THR B 554 4.50 -6.66 -14.44
N VAL B 555 3.63 -8.58 -17.64
N VAL B 555 3.67 -6.26 -13.47
CA VAL B 555 3.29 -9.48 -18.72
CA VAL B 555 2.91 -7.24 -12.68
C VAL B 555 1.84 -9.98 -18.63
C VAL B 555 1.79 -7.90 -13.47
N GLY B 556 1.41 -10.26 -17.41
N GLY B 556 1.40 -7.30 -14.59
CA GLY B 556 0.15 -10.94 -17.16
CA GLY B 556 0.39 -7.89 -15.45
C GLY B 556 0.03 -12.32 -17.77
C GLY B 556 0.93 -9.08 -16.21
N ALA B 557 -1.16 -12.66 -18.26
N ALA B 557 2.25 -9.19 -16.24
CA ALA B 557 -1.47 -14.05 -18.60
CA ALA B 557 2.95 -10.30 -16.91
C ALA B 557 -2.25 -14.22 -19.90
C ALA B 557 2.68 -10.38 -18.41
N GLY B 558 -2.18 -15.42 -20.48
N GLY B 558 2.07 -9.33 -18.96
CA GLY B 558 -3.14 -15.86 -21.47
CA GLY B 558 1.84 -9.24 -20.39
C GLY B 558 -4.54 -15.85 -20.92
C GLY B 558 0.62 -9.98 -20.88
N GLY B 559 -5.48 -15.30 -21.67
N GLY B 559 -0.04 -10.70 -19.99
CA GLY B 559 -6.84 -15.15 -21.18
CA GLY B 559 -1.23 -11.44 -20.39
C GLY B 559 -6.90 -14.01 -20.19
C GLY B 559 -1.84 -12.36 -19.33
N GLY B 560 -5.74 -13.44 -19.94
N GLY B 560 -3.16 -12.42 -19.33
CA GLY B 560 -5.56 -12.38 -18.96
CA GLY B 560 -3.89 -13.45 -18.60
C GLY B 560 -5.98 -12.66 -17.53
C GLY B 560 -4.59 -13.09 -17.30
N ASP B 561 -5.64 -13.85 -17.01
CA ASP B 561 -6.13 -14.16 -15.67
C ASP B 561 -5.32 -13.66 -14.47
N ILE B 562 -4.99 -12.37 -14.46
CA ILE B 562 -4.21 -11.76 -13.38
C ILE B 562 -4.94 -10.48 -12.99
N PHE B 563 -5.01 -10.20 -11.70
CA PHE B 563 -5.74 -9.04 -11.19
C PHE B 563 -4.91 -8.20 -10.23
N HIS B 564 -5.07 -6.88 -10.33
CA HIS B 564 -4.39 -5.95 -9.45
C HIS B 564 -5.34 -4.80 -9.16
N SER B 565 -5.26 -4.24 -7.95
CA SER B 565 -6.14 -3.14 -7.56
C SER B 565 -5.46 -1.80 -7.39
N VAL B 566 -6.28 -0.74 -7.37
CA VAL B 566 -5.82 0.63 -7.12
C VAL B 566 -6.98 1.53 -6.73
P PO4 C . 36.18 24.78 29.46
O1 PO4 C . 36.61 25.44 30.74
O2 PO4 C . 36.53 23.32 29.50
O3 PO4 C . 34.68 24.93 29.29
O4 PO4 C . 36.87 25.44 28.29
#